data_2GF0
#
_entry.id   2GF0
#
_cell.length_a   64.053
_cell.length_b   94.031
_cell.length_c   61.214
_cell.angle_alpha   90.00
_cell.angle_beta   89.98
_cell.angle_gamma   90.00
#
_symmetry.space_group_name_H-M   'P 1 21 1'
#
loop_
_entity.id
_entity.type
_entity.pdbx_description
1 polymer 'GTP-binding protein Di-Ras1'
2 non-polymer 'MAGNESIUM ION'
3 non-polymer "GUANOSINE-5'-DIPHOSPHATE"
4 water water
#
_entity_poly.entity_id   1
_entity_poly.type   'polypeptide(L)'
_entity_poly.pdbx_seq_one_letter_code
;SMPEQSNDYRVVVFGAGGVGKSSLVLRFVKGTFRDTYIPTIEDTYRQVISCDKSVCTLQITDTTGSHQFPAMQRLSISKG
HAFILVFSVTSKQSLEELGPIYKLIVQIKGSVEDIPVMLVGNKCDETQREVDTREAQAVAQEWKCAFMETSAKMNYNVKE
LFQELLTLETRRNMSLNIDGKRSGKQKRTDRVKGKCTLM
;
_entity_poly.pdbx_strand_id   A,B,C,D
#
loop_
_chem_comp.id
_chem_comp.type
_chem_comp.name
_chem_comp.formula
GDP RNA linking GUANOSINE-5'-DIPHOSPHATE 'C10 H15 N5 O11 P2'
MG non-polymer 'MAGNESIUM ION' 'Mg 2'
#
# COMPACT_ATOMS: atom_id res chain seq x y z
N GLN A 5 -7.12 -23.20 40.76
CA GLN A 5 -7.11 -22.69 39.35
C GLN A 5 -6.97 -21.19 39.33
N SER A 6 -5.93 -20.69 38.69
CA SER A 6 -5.71 -19.26 38.61
C SER A 6 -6.67 -18.67 37.57
N ASN A 7 -7.07 -17.44 37.79
CA ASN A 7 -7.94 -16.74 36.86
C ASN A 7 -7.33 -15.40 36.47
N ASP A 8 -6.15 -15.43 35.87
CA ASP A 8 -5.43 -14.24 35.57
C ASP A 8 -6.12 -13.39 34.49
N TYR A 9 -6.10 -12.07 34.64
CA TYR A 9 -6.46 -11.19 33.54
C TYR A 9 -5.16 -10.57 33.04
N ARG A 10 -4.86 -10.76 31.76
CA ARG A 10 -3.55 -10.42 31.20
C ARG A 10 -3.60 -9.19 30.31
N VAL A 11 -2.81 -8.20 30.72
CA VAL A 11 -2.68 -6.94 29.99
C VAL A 11 -1.28 -6.87 29.38
N VAL A 12 -1.20 -6.52 28.09
CA VAL A 12 0.07 -6.35 27.42
C VAL A 12 0.27 -4.88 27.07
N VAL A 13 1.46 -4.37 27.39
CA VAL A 13 1.83 -2.98 27.19
C VAL A 13 2.83 -2.89 26.05
N PHE A 14 2.39 -2.25 24.97
CA PHE A 14 3.16 -2.14 23.74
C PHE A 14 3.49 -0.66 23.53
N GLY A 15 4.48 -0.41 22.69
CA GLY A 15 4.91 0.92 22.30
C GLY A 15 6.40 0.97 22.00
N ALA A 16 6.79 2.02 21.31
CA ALA A 16 8.18 2.21 20.93
C ALA A 16 9.09 2.37 22.16
N GLY A 17 10.36 2.08 21.96
CA GLY A 17 11.37 2.33 22.98
C GLY A 17 11.32 3.77 23.44
N GLY A 18 11.32 3.95 24.75
CA GLY A 18 11.50 5.27 25.35
C GLY A 18 10.22 6.04 25.61
N VAL A 19 9.07 5.46 25.32
CA VAL A 19 7.79 6.17 25.52
C VAL A 19 7.32 6.20 26.99
N GLY A 20 7.84 5.29 27.81
CA GLY A 20 7.49 5.21 29.23
C GLY A 20 6.63 3.99 29.58
N LYS A 21 6.73 2.91 28.80
CA LYS A 21 6.02 1.67 29.13
C LYS A 21 6.41 1.16 30.50
N SER A 22 7.71 1.03 30.74
CA SER A 22 8.19 0.50 32.02
C SER A 22 7.85 1.46 33.15
N SER A 23 7.98 2.76 32.92
CA SER A 23 7.68 3.72 33.96
C SER A 23 6.20 3.69 34.34
N LEU A 24 5.31 3.53 33.37
CA LEU A 24 3.86 3.40 33.65
C LEU A 24 3.55 2.17 34.48
N VAL A 25 4.08 1.03 34.05
CA VAL A 25 3.83 -0.24 34.73
C VAL A 25 4.41 -0.22 36.16
N LEU A 26 5.66 0.21 36.32
CA LEU A 26 6.28 0.30 37.68
C LEU A 26 5.62 1.34 38.60
N ARG A 27 5.20 2.47 38.05
CA ARG A 27 4.45 3.47 38.84
C ARG A 27 3.16 2.84 39.38
N PHE A 28 2.44 2.16 38.52
CA PHE A 28 1.18 1.51 38.89
C PHE A 28 1.38 0.38 39.89
N VAL A 29 2.19 -0.61 39.54
CA VAL A 29 2.33 -1.82 40.37
C VAL A 29 3.13 -1.59 41.64
N LYS A 30 4.21 -0.82 41.57
CA LYS A 30 5.13 -0.68 42.70
C LYS A 30 5.22 0.71 43.29
N GLY A 31 4.69 1.72 42.60
CA GLY A 31 4.82 3.10 43.04
C GLY A 31 6.28 3.50 42.97
N THR A 32 6.97 3.09 41.91
CA THR A 32 8.40 3.35 41.78
C THR A 32 8.75 3.78 40.38
N PHE A 33 10.03 4.05 40.16
CA PHE A 33 10.54 4.61 38.91
C PHE A 33 11.17 3.48 38.10
N ARG A 34 11.34 3.69 36.80
CA ARG A 34 12.21 2.84 36.00
C ARG A 34 13.68 3.26 36.14
N ASP A 35 14.48 2.38 36.74
CA ASP A 35 15.93 2.62 36.86
C ASP A 35 16.54 2.46 35.48
N THR A 36 17.22 3.49 34.99
CA THR A 36 17.74 3.47 33.63
C THR A 36 18.76 2.32 33.41
N TYR A 37 19.48 1.94 34.46
CA TYR A 37 20.55 0.97 34.37
C TYR A 37 20.15 -0.51 34.44
N ILE A 38 18.94 -0.82 34.91
CA ILE A 38 18.44 -2.20 34.92
C ILE A 38 18.30 -2.74 33.47
N PRO A 39 18.61 -4.05 33.27
CA PRO A 39 18.59 -4.57 31.89
C PRO A 39 17.23 -4.52 31.24
N THR A 40 17.18 -4.16 29.95
CA THR A 40 15.95 -4.07 29.20
C THR A 40 15.53 -5.47 28.73
N ILE A 41 14.53 -6.04 29.38
CA ILE A 41 14.07 -7.37 29.03
C ILE A 41 12.61 -7.48 29.49
N GLU A 42 11.79 -8.24 28.77
CA GLU A 42 10.39 -8.32 29.12
C GLU A 42 10.20 -8.87 30.55
N ASP A 43 9.28 -8.25 31.30
CA ASP A 43 8.86 -8.77 32.59
C ASP A 43 7.35 -8.69 32.69
N THR A 44 6.81 -9.55 33.55
CA THR A 44 5.40 -9.56 33.85
C THR A 44 5.26 -9.35 35.35
N TYR A 45 4.33 -8.46 35.70
CA TYR A 45 4.07 -8.05 37.06
C TYR A 45 2.71 -8.52 37.47
N ARG A 46 2.55 -8.80 38.74
CA ARG A 46 1.32 -9.37 39.27
C ARG A 46 0.71 -8.38 40.24
N GLN A 47 -0.59 -8.09 40.08
CA GLN A 47 -1.33 -7.37 41.12
C GLN A 47 -2.67 -8.07 41.42
N VAL A 48 -2.96 -8.30 42.69
CA VAL A 48 -4.26 -8.86 43.07
C VAL A 48 -5.32 -7.78 42.86
N ILE A 49 -6.45 -8.17 42.28
CA ILE A 49 -7.58 -7.26 42.04
C ILE A 49 -8.88 -7.98 42.38
N SER A 50 -9.98 -7.23 42.40
CA SER A 50 -11.30 -7.87 42.58
C SER A 50 -11.82 -8.30 41.22
N CYS A 51 -12.44 -9.47 41.18
CA CYS A 51 -13.00 -10.01 39.94
C CYS A 51 -14.22 -10.90 40.20
N ASP A 52 -15.36 -10.55 39.63
CA ASP A 52 -16.56 -11.41 39.71
C ASP A 52 -16.89 -11.90 41.14
N LYS A 53 -16.97 -10.96 42.08
CA LYS A 53 -17.27 -11.26 43.48
C LYS A 53 -16.19 -12.09 44.19
N SER A 54 -14.98 -12.08 43.65
CA SER A 54 -13.85 -12.79 44.24
C SER A 54 -12.59 -12.01 43.93
N VAL A 55 -11.48 -12.72 43.77
CA VAL A 55 -10.22 -12.08 43.47
C VAL A 55 -9.55 -12.80 42.33
N CYS A 56 -8.78 -12.02 41.57
CA CYS A 56 -7.94 -12.60 40.56
C CYS A 56 -6.64 -11.82 40.47
N THR A 57 -5.70 -12.35 39.70
CA THR A 57 -4.43 -11.67 39.50
C THR A 57 -4.44 -10.95 38.19
N LEU A 58 -4.19 -9.64 38.24
CA LEU A 58 -3.89 -8.87 37.08
C LEU A 58 -2.40 -9.12 36.74
N GLN A 59 -2.14 -9.57 35.52
CA GLN A 59 -0.79 -9.80 35.00
C GLN A 59 -0.55 -8.72 33.96
N ILE A 60 0.53 -7.98 34.16
CA ILE A 60 0.85 -6.87 33.29
C ILE A 60 2.23 -7.13 32.66
N THR A 61 2.26 -7.28 31.33
CA THR A 61 3.48 -7.61 30.61
C THR A 61 4.05 -6.30 30.07
N ASP A 62 5.24 -5.98 30.53
CA ASP A 62 5.99 -4.82 30.07
C ASP A 62 6.91 -5.29 28.94
N THR A 63 6.50 -5.09 27.69
CA THR A 63 7.28 -5.55 26.55
C THR A 63 8.51 -4.69 26.28
N THR A 64 9.42 -5.19 25.42
CA THR A 64 10.60 -4.39 25.02
C THR A 64 10.42 -3.69 23.67
N GLY A 65 9.16 -3.43 23.29
CA GLY A 65 8.89 -2.52 22.21
C GLY A 65 9.47 -2.98 20.90
N SER A 66 10.29 -2.13 20.28
CA SER A 66 10.83 -2.46 18.96
C SER A 66 11.90 -3.50 19.03
N HIS A 67 12.42 -3.78 20.23
CA HIS A 67 13.32 -4.91 20.41
C HIS A 67 12.61 -6.27 20.38
N GLN A 68 11.29 -6.28 20.58
CA GLN A 68 10.57 -7.53 20.75
C GLN A 68 10.48 -8.26 19.40
N PHE A 69 10.93 -9.51 19.38
CA PHE A 69 10.94 -10.30 18.17
C PHE A 69 9.48 -10.45 17.72
N PRO A 70 9.23 -10.24 16.42
CA PRO A 70 7.83 -10.28 15.94
C PRO A 70 7.01 -11.55 16.32
N ALA A 71 7.63 -12.72 16.30
CA ALA A 71 6.91 -13.96 16.69
C ALA A 71 6.47 -13.87 18.15
N MET A 72 7.30 -13.24 18.98
CA MET A 72 6.97 -12.98 20.39
C MET A 72 5.87 -11.96 20.57
N GLN A 73 5.81 -10.95 19.71
CA GLN A 73 4.67 -10.03 19.72
C GLN A 73 3.36 -10.79 19.48
N ARG A 74 3.36 -11.63 18.45
CA ARG A 74 2.19 -12.48 18.10
C ARG A 74 1.73 -13.33 19.31
N LEU A 75 2.68 -14.02 19.93
CA LEU A 75 2.40 -14.86 21.10
C LEU A 75 1.83 -14.03 22.24
N SER A 76 2.34 -12.81 22.41
CA SER A 76 1.90 -11.92 23.48
C SER A 76 0.45 -11.52 23.27
N ILE A 77 0.08 -11.25 22.02
CA ILE A 77 -1.30 -10.86 21.71
C ILE A 77 -2.23 -12.06 21.92
N SER A 78 -1.80 -13.23 21.46
CA SER A 78 -2.62 -14.41 21.58
C SER A 78 -2.89 -14.74 23.05
N LYS A 79 -1.87 -14.60 23.88
CA LYS A 79 -2.00 -14.82 25.33
C LYS A 79 -2.72 -13.67 26.06
N GLY A 80 -2.66 -12.46 25.52
CA GLY A 80 -3.25 -11.29 26.14
C GLY A 80 -4.76 -11.16 26.04
N HIS A 81 -5.36 -10.52 27.06
CA HIS A 81 -6.80 -10.20 27.08
C HIS A 81 -7.06 -8.74 26.72
N ALA A 82 -6.13 -7.86 27.07
CA ALA A 82 -6.30 -6.44 26.89
C ALA A 82 -4.97 -5.79 26.60
N PHE A 83 -5.04 -4.65 25.92
CA PHE A 83 -3.84 -4.04 25.37
C PHE A 83 -3.75 -2.55 25.66
N ILE A 84 -2.54 -2.13 26.04
CA ILE A 84 -2.22 -0.72 26.26
C ILE A 84 -1.15 -0.35 25.24
N LEU A 85 -1.48 0.61 24.38
CA LEU A 85 -0.62 1.02 23.30
C LEU A 85 -0.12 2.42 23.63
N VAL A 86 1.14 2.49 24.05
CA VAL A 86 1.70 3.69 24.61
C VAL A 86 2.52 4.41 23.55
N PHE A 87 2.27 5.70 23.42
CA PHE A 87 3.18 6.59 22.67
C PHE A 87 3.53 7.78 23.54
N SER A 88 4.56 8.52 23.15
CA SER A 88 4.98 9.73 23.86
C SER A 88 4.41 10.93 23.11
N VAL A 89 3.78 11.86 23.83
CA VAL A 89 3.24 13.07 23.22
C VAL A 89 4.34 13.93 22.63
N THR A 90 5.60 13.67 22.99
CA THR A 90 6.73 14.42 22.41
C THR A 90 7.26 13.80 21.10
N SER A 91 6.68 12.69 20.64
CA SER A 91 7.19 11.93 19.49
C SER A 91 6.08 11.39 18.58
N LYS A 92 5.86 12.11 17.49
CA LYS A 92 4.90 11.69 16.48
C LYS A 92 5.32 10.34 15.88
N GLN A 93 6.63 10.14 15.70
CA GLN A 93 7.12 8.84 15.25
C GLN A 93 6.66 7.69 16.17
N SER A 94 6.62 7.92 17.48
CA SER A 94 6.21 6.87 18.39
C SER A 94 4.75 6.50 18.21
N LEU A 95 3.93 7.47 17.83
CA LEU A 95 2.51 7.17 17.58
C LEU A 95 2.41 6.34 16.30
N GLU A 96 3.10 6.78 15.24
CA GLU A 96 3.13 6.05 13.98
C GLU A 96 3.60 4.60 14.13
N GLU A 97 4.53 4.37 15.04
CA GLU A 97 5.06 3.04 15.26
C GLU A 97 4.06 2.07 15.88
N LEU A 98 2.93 2.56 16.40
CA LEU A 98 1.88 1.68 16.89
C LEU A 98 1.04 1.03 15.78
N GLY A 99 1.11 1.55 14.56
CA GLY A 99 0.29 1.00 13.44
C GLY A 99 0.33 -0.53 13.30
N PRO A 100 1.54 -1.09 13.15
CA PRO A 100 1.65 -2.53 12.94
C PRO A 100 1.08 -3.39 14.08
N ILE A 101 1.34 -3.01 15.32
CA ILE A 101 0.84 -3.80 16.44
C ILE A 101 -0.68 -3.71 16.58
N TYR A 102 -1.25 -2.52 16.33
CA TYR A 102 -2.68 -2.36 16.37
C TYR A 102 -3.30 -3.29 15.34
N LYS A 103 -2.77 -3.27 14.12
CA LYS A 103 -3.26 -4.13 13.04
C LYS A 103 -3.22 -5.61 13.47
N LEU A 104 -2.10 -6.05 14.03
CA LEU A 104 -1.96 -7.44 14.44
C LEU A 104 -2.90 -7.78 15.58
N ILE A 105 -3.14 -6.85 16.50
CA ILE A 105 -4.10 -7.10 17.59
C ILE A 105 -5.49 -7.36 17.02
N VAL A 106 -5.93 -6.47 16.13
CA VAL A 106 -7.28 -6.53 15.57
C VAL A 106 -7.46 -7.76 14.68
N GLN A 107 -6.40 -8.14 14.00
CA GLN A 107 -6.47 -9.33 13.19
C GLN A 107 -6.54 -10.58 14.05
N ILE A 108 -5.72 -10.67 15.09
CA ILE A 108 -5.69 -11.89 15.89
C ILE A 108 -6.98 -12.04 16.73
N LYS A 109 -7.43 -10.95 17.32
CA LYS A 109 -8.63 -10.96 18.20
C LYS A 109 -9.93 -10.79 17.41
N GLY A 110 -9.83 -10.57 16.11
CA GLY A 110 -11.01 -10.52 15.24
C GLY A 110 -11.58 -9.11 15.04
N SER A 111 -11.65 -8.35 16.12
CA SER A 111 -12.17 -6.99 16.13
C SER A 111 -11.72 -6.21 17.38
N VAL A 112 -11.40 -4.92 17.21
CA VAL A 112 -11.11 -4.02 18.30
C VAL A 112 -12.28 -3.93 19.29
N GLU A 113 -13.48 -4.19 18.83
CA GLU A 113 -14.65 -4.06 19.67
C GLU A 113 -14.80 -5.23 20.65
N ASP A 114 -13.99 -6.28 20.50
CA ASP A 114 -14.14 -7.48 21.34
C ASP A 114 -13.12 -7.61 22.48
N ILE A 115 -12.17 -6.68 22.56
CA ILE A 115 -11.22 -6.68 23.67
C ILE A 115 -10.85 -5.26 24.03
N PRO A 116 -10.46 -5.05 25.29
CA PRO A 116 -10.08 -3.68 25.62
C PRO A 116 -8.75 -3.26 24.99
N VAL A 117 -8.79 -2.11 24.33
CA VAL A 117 -7.58 -1.51 23.74
C VAL A 117 -7.60 -0.03 24.13
N MET A 118 -6.51 0.38 24.75
CA MET A 118 -6.33 1.76 25.20
C MET A 118 -5.12 2.38 24.54
N LEU A 119 -5.34 3.49 23.85
CA LEU A 119 -4.23 4.33 23.35
C LEU A 119 -3.82 5.28 24.48
N VAL A 120 -2.54 5.36 24.79
CA VAL A 120 -2.03 6.16 25.91
C VAL A 120 -0.97 7.11 25.44
N GLY A 121 -1.25 8.40 25.60
CA GLY A 121 -0.29 9.46 25.35
C GLY A 121 0.44 9.77 26.64
N ASN A 122 1.61 9.16 26.82
CA ASN A 122 2.40 9.36 28.01
C ASN A 122 3.32 10.57 27.87
N LYS A 123 3.84 11.00 29.01
CA LYS A 123 4.74 12.15 29.16
C LYS A 123 3.98 13.45 28.98
N CYS A 124 2.73 13.47 29.42
CA CYS A 124 1.90 14.66 29.25
C CYS A 124 2.29 15.81 30.24
N ASP A 125 3.30 15.56 31.07
CA ASP A 125 3.98 16.65 31.79
C ASP A 125 4.87 17.54 30.91
N GLU A 126 5.18 17.07 29.73
CA GLU A 126 6.04 17.80 28.80
C GLU A 126 5.27 18.87 28.05
N THR A 127 5.94 19.99 27.80
CA THR A 127 5.27 21.13 27.16
C THR A 127 5.56 21.18 25.67
N GLN A 128 6.68 20.57 25.24
CA GLN A 128 7.06 20.52 23.81
C GLN A 128 6.51 19.26 23.18
N ARG A 129 5.26 19.32 22.77
CA ARG A 129 4.57 18.16 22.19
C ARG A 129 4.64 18.11 20.68
N GLU A 130 4.68 16.90 20.13
CA GLU A 130 4.53 16.66 18.70
C GLU A 130 3.14 16.15 18.33
N VAL A 131 2.41 15.63 19.30
CA VAL A 131 1.04 15.14 19.06
C VAL A 131 0.15 15.89 20.02
N ASP A 132 -0.82 16.65 19.50
CA ASP A 132 -1.80 17.35 20.34
C ASP A 132 -2.82 16.35 20.89
N THR A 133 -3.41 16.70 22.04
CA THR A 133 -4.47 15.87 22.65
C THR A 133 -5.60 15.61 21.65
N ARG A 134 -6.05 16.64 20.95
CA ARG A 134 -7.11 16.47 19.95
C ARG A 134 -6.73 15.51 18.84
N GLU A 135 -5.46 15.53 18.43
CA GLU A 135 -4.98 14.63 17.38
C GLU A 135 -5.04 13.17 17.83
N ALA A 136 -4.61 12.92 19.06
CA ALA A 136 -4.65 11.58 19.64
C ALA A 136 -6.07 11.09 19.83
N GLN A 137 -6.97 11.97 20.23
CA GLN A 137 -8.39 11.66 20.35
C GLN A 137 -8.97 11.18 19.00
N ALA A 138 -8.57 11.84 17.91
CA ALA A 138 -9.03 11.47 16.57
C ALA A 138 -8.50 10.08 16.16
N VAL A 139 -7.26 9.80 16.53
CA VAL A 139 -6.68 8.48 16.24
C VAL A 139 -7.50 7.39 16.91
N ALA A 140 -7.79 7.58 18.19
CA ALA A 140 -8.59 6.65 18.97
C ALA A 140 -10.03 6.51 18.44
N GLN A 141 -10.67 7.63 18.08
CA GLN A 141 -11.98 7.60 17.45
CA GLN A 141 -11.98 7.58 17.44
C GLN A 141 -11.91 6.75 16.15
N GLU A 142 -10.88 6.95 15.33
CA GLU A 142 -10.80 6.20 14.06
C GLU A 142 -10.44 4.74 14.26
N TRP A 143 -9.68 4.45 15.30
CA TRP A 143 -9.33 3.10 15.67
C TRP A 143 -10.40 2.40 16.52
N LYS A 144 -11.45 3.12 16.90
CA LYS A 144 -12.52 2.60 17.78
C LYS A 144 -11.98 2.04 19.10
N CYS A 145 -11.06 2.79 19.72
CA CYS A 145 -10.45 2.39 20.97
C CYS A 145 -10.54 3.52 21.97
N ALA A 146 -10.09 3.26 23.19
CA ALA A 146 -10.11 4.29 24.23
C ALA A 146 -8.83 5.07 24.17
N PHE A 147 -8.85 6.23 24.79
CA PHE A 147 -7.68 7.09 24.85
C PHE A 147 -7.57 7.78 26.19
N MET A 148 -6.34 7.90 26.67
CA MET A 148 -6.06 8.63 27.90
CA MET A 148 -6.08 8.66 27.87
C MET A 148 -4.68 9.24 27.79
N GLU A 149 -4.48 10.40 28.40
CA GLU A 149 -3.12 10.94 28.56
C GLU A 149 -2.64 10.66 29.96
N THR A 150 -1.33 10.37 30.08
CA THR A 150 -0.73 10.04 31.33
C THR A 150 0.62 10.75 31.50
N SER A 151 1.03 10.88 32.76
CA SER A 151 2.41 11.18 33.11
C SER A 151 2.81 10.16 34.17
N ALA A 152 3.58 9.14 33.79
CA ALA A 152 4.17 8.24 34.78
C ALA A 152 4.97 8.99 35.85
N LYS A 153 5.70 10.00 35.42
CA LYS A 153 6.53 10.80 36.27
C LYS A 153 5.74 11.43 37.41
N MET A 154 4.57 11.96 37.09
CA MET A 154 3.77 12.68 38.03
C MET A 154 2.66 11.82 38.67
N ASN A 155 2.60 10.54 38.33
CA ASN A 155 1.53 9.63 38.74
C ASN A 155 0.18 10.15 38.28
N TYR A 156 0.14 10.73 37.09
CA TYR A 156 -1.07 11.36 36.62
C TYR A 156 -1.76 10.38 35.68
N ASN A 157 -3.00 10.01 36.03
CA ASN A 157 -3.82 9.07 35.27
C ASN A 157 -3.22 7.65 35.19
N VAL A 158 -2.34 7.32 36.13
CA VAL A 158 -1.70 6.00 36.09
C VAL A 158 -2.64 4.93 36.67
N LYS A 159 -3.20 5.16 37.86
CA LYS A 159 -4.20 4.22 38.42
C LYS A 159 -5.46 4.24 37.56
N GLU A 160 -5.82 5.44 37.09
CA GLU A 160 -7.02 5.62 36.28
C GLU A 160 -6.98 4.81 34.97
N LEU A 161 -5.79 4.70 34.37
CA LEU A 161 -5.58 3.96 33.12
C LEU A 161 -5.96 2.50 33.31
N PHE A 162 -5.43 1.90 34.37
CA PHE A 162 -5.72 0.49 34.62
C PHE A 162 -7.16 0.29 35.06
N GLN A 163 -7.70 1.22 35.85
CA GLN A 163 -9.12 1.12 36.19
C GLN A 163 -10.04 1.20 34.99
N GLU A 164 -9.80 2.15 34.08
CA GLU A 164 -10.61 2.30 32.88
C GLU A 164 -10.48 1.07 31.97
N LEU A 165 -9.25 0.59 31.82
CA LEU A 165 -8.99 -0.61 31.03
C LEU A 165 -9.81 -1.79 31.56
N LEU A 166 -9.83 -1.98 32.87
CA LEU A 166 -10.56 -3.11 33.46
C LEU A 166 -12.07 -2.95 33.30
N THR A 167 -12.53 -1.72 33.36
CA THR A 167 -13.95 -1.41 33.17
C THR A 167 -14.45 -1.68 31.72
N LEU A 168 -13.54 -1.56 30.77
CA LEU A 168 -13.83 -1.86 29.36
C LEU A 168 -14.08 -3.35 29.08
N GLU A 169 -13.59 -4.23 29.95
CA GLU A 169 -13.86 -5.67 29.79
C GLU A 169 -15.27 -5.94 30.23
N THR A 170 -16.09 -6.44 29.33
CA THR A 170 -17.46 -6.75 29.63
C THR A 170 -17.69 -8.19 30.12
N ARG A 171 -16.71 -9.08 29.96
CA ARG A 171 -16.91 -10.52 30.31
C ARG A 171 -16.60 -10.83 31.76
N ARG A 172 -15.99 -9.87 32.43
CA ARG A 172 -15.70 -9.97 33.85
C ARG A 172 -15.96 -8.63 34.46
N ASN A 173 -16.29 -8.65 35.74
CA ASN A 173 -16.46 -7.41 36.48
C ASN A 173 -15.28 -7.24 37.42
N MET A 174 -14.33 -6.40 37.01
CA MET A 174 -13.05 -6.21 37.72
C MET A 174 -12.86 -4.78 38.24
N SER A 175 -12.18 -4.68 39.39
CA SER A 175 -11.89 -3.42 40.01
C SER A 175 -10.58 -3.51 40.79
N LEU A 176 -9.89 -2.37 40.86
CA LEU A 176 -8.69 -2.27 41.66
C LEU A 176 -8.94 -2.38 43.17
N ASN A 177 -10.05 -1.84 43.66
CA ASN A 177 -10.33 -1.81 45.11
C ASN A 177 -10.13 -3.16 45.82
N GLU B 4 20.70 28.71 -1.25
CA GLU B 4 20.43 27.35 -0.71
C GLU B 4 19.00 27.16 -0.19
N GLN B 5 18.19 28.22 -0.13
CA GLN B 5 16.91 28.11 0.58
C GLN B 5 15.77 27.54 -0.26
N SER B 6 14.83 26.91 0.43
CA SER B 6 13.83 26.07 -0.22
C SER B 6 12.73 26.91 -0.87
N ASN B 7 12.16 26.38 -1.94
CA ASN B 7 11.08 27.05 -2.63
C ASN B 7 9.86 26.15 -2.75
N ASP B 8 9.27 25.79 -1.63
CA ASP B 8 8.20 24.81 -1.64
C ASP B 8 6.92 25.40 -2.23
N TYR B 9 6.16 24.58 -2.95
CA TYR B 9 4.82 24.93 -3.33
C TYR B 9 3.90 24.03 -2.54
N ARG B 10 2.99 24.64 -1.78
CA ARG B 10 2.24 23.92 -0.74
C ARG B 10 0.79 23.76 -1.09
N VAL B 11 0.36 22.51 -1.18
CA VAL B 11 -1.02 22.11 -1.45
C VAL B 11 -1.64 21.48 -0.23
N VAL B 12 -2.85 21.90 0.11
CA VAL B 12 -3.58 21.36 1.24
C VAL B 12 -4.82 20.65 0.71
N VAL B 13 -5.02 19.45 1.20
CA VAL B 13 -6.14 18.62 0.80
C VAL B 13 -7.13 18.57 1.95
N PHE B 14 -8.33 19.09 1.68
CA PHE B 14 -9.40 19.20 2.63
C PHE B 14 -10.55 18.33 2.17
N GLY B 15 -11.47 18.04 3.09
CA GLY B 15 -12.62 17.18 2.79
C GLY B 15 -13.05 16.37 4.01
N ALA B 16 -14.30 15.92 4.00
CA ALA B 16 -14.85 15.17 5.11
C ALA B 16 -14.16 13.82 5.27
N GLY B 17 -14.25 13.24 6.47
CA GLY B 17 -13.68 11.92 6.69
C GLY B 17 -14.25 10.91 5.73
N GLY B 18 -13.38 10.09 5.15
CA GLY B 18 -13.80 8.96 4.32
C GLY B 18 -13.96 9.24 2.84
N VAL B 19 -13.67 10.46 2.41
CA VAL B 19 -13.88 10.80 1.00
C VAL B 19 -12.76 10.28 0.06
N GLY B 20 -11.61 9.92 0.64
CA GLY B 20 -10.44 9.43 -0.10
C GLY B 20 -9.31 10.47 -0.24
N LYS B 21 -9.23 11.44 0.68
CA LYS B 21 -8.07 12.37 0.67
C LYS B 21 -6.75 11.62 0.78
N SER B 22 -6.63 10.73 1.77
CA SER B 22 -5.38 10.01 1.98
C SER B 22 -5.11 9.12 0.79
N SER B 23 -6.16 8.48 0.27
CA SER B 23 -5.98 7.57 -0.88
C SER B 23 -5.49 8.34 -2.10
N LEU B 24 -6.02 9.55 -2.31
CA LEU B 24 -5.58 10.40 -3.45
C LEU B 24 -4.12 10.81 -3.31
N VAL B 25 -3.75 11.30 -2.13
CA VAL B 25 -2.37 11.75 -1.89
C VAL B 25 -1.38 10.60 -2.01
N LEU B 26 -1.69 9.49 -1.34
CA LEU B 26 -0.82 8.31 -1.41
C LEU B 26 -0.70 7.72 -2.84
N ARG B 27 -1.81 7.66 -3.57
CA ARG B 27 -1.76 7.16 -4.95
C ARG B 27 -0.83 8.03 -5.78
N PHE B 28 -0.95 9.34 -5.60
CA PHE B 28 -0.10 10.27 -6.37
C PHE B 28 1.38 10.22 -5.98
N VAL B 29 1.66 10.44 -4.71
CA VAL B 29 3.04 10.55 -4.21
C VAL B 29 3.81 9.24 -4.20
N LYS B 30 3.14 8.16 -3.78
CA LYS B 30 3.80 6.87 -3.55
C LYS B 30 3.33 5.75 -4.49
N GLY B 31 2.21 5.93 -5.19
CA GLY B 31 1.62 4.86 -6.00
C GLY B 31 1.19 3.71 -5.11
N THR B 32 0.59 4.05 -3.98
CA THR B 32 0.21 3.04 -3.01
C THR B 32 -1.16 3.36 -2.45
N PHE B 33 -1.66 2.45 -1.62
CA PHE B 33 -3.01 2.53 -1.05
C PHE B 33 -2.94 3.13 0.36
N ARG B 34 -4.07 3.59 0.86
CA ARG B 34 -4.22 3.96 2.27
C ARG B 34 -4.51 2.71 3.12
N ASP B 35 -3.54 2.33 3.93
CA ASP B 35 -3.75 1.21 4.85
C ASP B 35 -4.76 1.64 5.91
N THR B 36 -5.86 0.90 6.03
CA THR B 36 -6.94 1.32 6.92
C THR B 36 -6.50 1.39 8.39
N TYR B 37 -5.49 0.59 8.76
CA TYR B 37 -5.04 0.49 10.14
C TYR B 37 -4.02 1.54 10.61
N ILE B 38 -3.43 2.28 9.68
CA ILE B 38 -2.48 3.35 10.02
C ILE B 38 -3.19 4.46 10.79
N PRO B 39 -2.52 5.03 11.82
CA PRO B 39 -3.17 6.10 12.60
C PRO B 39 -3.55 7.30 11.77
N THR B 40 -4.76 7.83 12.02
CA THR B 40 -5.27 8.97 11.29
C THR B 40 -4.67 10.23 11.91
N ILE B 41 -3.73 10.84 11.20
CA ILE B 41 -3.09 12.06 11.71
C ILE B 41 -2.54 12.82 10.53
N GLU B 42 -2.48 14.14 10.63
CA GLU B 42 -2.03 14.92 9.48
C GLU B 42 -0.58 14.56 9.10
N ASP B 43 -0.35 14.42 7.80
CA ASP B 43 0.98 14.27 7.25
C ASP B 43 1.14 15.16 6.04
N THR B 44 2.39 15.51 5.78
CA THR B 44 2.74 16.33 4.62
C THR B 44 3.78 15.50 3.84
N TYR B 45 3.55 15.37 2.53
CA TYR B 45 4.41 14.59 1.66
C TYR B 45 5.15 15.50 0.72
N ARG B 46 6.34 15.07 0.30
CA ARG B 46 7.21 15.90 -0.56
C ARG B 46 7.43 15.19 -1.90
N GLN B 47 7.32 15.96 -2.98
CA GLN B 47 7.57 15.46 -4.33
C GLN B 47 8.38 16.52 -5.08
N VAL B 48 9.55 16.16 -5.60
CA VAL B 48 10.33 17.11 -6.42
C VAL B 48 9.61 17.31 -7.77
N ILE B 49 9.48 18.58 -8.18
CA ILE B 49 8.79 18.95 -9.41
C ILE B 49 9.62 20.00 -10.13
N SER B 50 9.27 20.24 -11.40
CA SER B 50 9.94 21.29 -12.17
C SER B 50 9.27 22.62 -11.85
N CYS B 51 10.08 23.66 -11.71
CA CYS B 51 9.56 24.97 -11.32
C CYS B 51 10.43 26.13 -11.79
N ASP B 52 9.88 27.01 -12.63
CA ASP B 52 10.61 28.22 -13.10
C ASP B 52 12.02 27.94 -13.63
N LYS B 53 12.13 26.94 -14.51
CA LYS B 53 13.41 26.52 -15.12
C LYS B 53 14.39 25.90 -14.14
N SER B 54 13.85 25.36 -13.05
CA SER B 54 14.65 24.81 -11.99
C SER B 54 13.77 23.76 -11.34
N VAL B 55 14.08 23.38 -10.11
CA VAL B 55 13.24 22.43 -9.43
C VAL B 55 12.80 23.00 -8.13
N CYS B 56 11.66 22.51 -7.65
CA CYS B 56 11.20 22.85 -6.33
C CYS B 56 10.48 21.66 -5.73
N THR B 57 10.13 21.78 -4.46
CA THR B 57 9.39 20.73 -3.76
C THR B 57 7.92 21.04 -3.67
N LEU B 58 7.10 20.16 -4.24
CA LEU B 58 5.69 20.16 -3.98
C LEU B 58 5.46 19.51 -2.59
N GLN B 59 4.87 20.27 -1.66
CA GLN B 59 4.45 19.78 -0.34
C GLN B 59 2.95 19.62 -0.31
N ILE B 60 2.52 18.41 -0.04
CA ILE B 60 1.10 18.09 -0.08
C ILE B 60 0.67 17.66 1.32
N THR B 61 -0.22 18.46 1.94
CA THR B 61 -0.72 18.17 3.29
C THR B 61 -2.05 17.43 3.17
N ASP B 62 -2.05 16.22 3.71
CA ASP B 62 -3.21 15.36 3.87
C ASP B 62 -3.82 15.66 5.25
N THR B 63 -4.85 16.49 5.29
CA THR B 63 -5.50 16.83 6.57
C THR B 63 -6.37 15.71 7.11
N THR B 64 -6.76 15.84 8.38
CA THR B 64 -7.65 14.87 9.02
C THR B 64 -9.12 15.33 8.99
N GLY B 65 -9.42 16.24 8.07
CA GLY B 65 -10.78 16.46 7.64
C GLY B 65 -11.64 17.03 8.75
N SER B 66 -12.76 16.34 9.02
CA SER B 66 -13.66 16.73 10.10
C SER B 66 -12.98 16.73 11.48
N HIS B 67 -11.90 15.97 11.66
CA HIS B 67 -11.17 15.96 12.94
C HIS B 67 -10.23 17.15 13.18
N GLN B 68 -9.90 17.88 12.14
CA GLN B 68 -8.88 18.92 12.29
C GLN B 68 -9.43 20.07 13.12
N PHE B 69 -8.66 20.47 14.13
CA PHE B 69 -9.07 21.56 14.98
C PHE B 69 -9.19 22.85 14.13
N PRO B 70 -10.32 23.55 14.23
CA PRO B 70 -10.51 24.73 13.36
C PRO B 70 -9.32 25.74 13.31
N ALA B 71 -8.65 25.96 14.43
CA ALA B 71 -7.48 26.86 14.44
C ALA B 71 -6.40 26.31 13.52
N MET B 72 -6.31 24.98 13.45
CA MET B 72 -5.33 24.33 12.59
C MET B 72 -5.70 24.41 11.12
N GLN B 73 -6.99 24.38 10.80
CA GLN B 73 -7.46 24.64 9.44
C GLN B 73 -7.07 26.03 8.97
N ARG B 74 -7.28 27.00 9.85
CA ARG B 74 -6.90 28.39 9.57
C ARG B 74 -5.43 28.52 9.27
N LEU B 75 -4.60 27.93 10.11
CA LEU B 75 -3.15 27.93 9.89
C LEU B 75 -2.79 27.22 8.58
N SER B 76 -3.49 26.11 8.29
CA SER B 76 -3.21 25.36 7.06
C SER B 76 -3.49 26.20 5.82
N ILE B 77 -4.57 26.97 5.87
CA ILE B 77 -4.90 27.85 4.74
C ILE B 77 -3.85 28.97 4.61
N SER B 78 -3.50 29.60 5.71
CA SER B 78 -2.50 30.67 5.70
C SER B 78 -1.19 30.20 5.09
N LYS B 79 -0.75 29.00 5.47
CA LYS B 79 0.52 28.46 5.00
C LYS B 79 0.41 27.90 3.59
N GLY B 80 -0.78 27.51 3.15
CA GLY B 80 -0.98 26.91 1.84
C GLY B 80 -1.02 27.84 0.65
N HIS B 81 -0.56 27.33 -0.51
CA HIS B 81 -0.68 28.09 -1.78
C HIS B 81 -1.86 27.66 -2.64
N ALA B 82 -2.23 26.40 -2.55
CA ALA B 82 -3.30 25.88 -3.36
C ALA B 82 -4.07 24.86 -2.58
N PHE B 83 -5.32 24.66 -3.00
CA PHE B 83 -6.26 23.86 -2.25
C PHE B 83 -7.02 22.86 -3.10
N ILE B 84 -7.10 21.63 -2.58
CA ILE B 84 -7.90 20.57 -3.18
C ILE B 84 -9.02 20.25 -2.17
N LEU B 85 -10.25 20.39 -2.62
CA LEU B 85 -11.43 20.16 -1.76
C LEU B 85 -12.13 18.92 -2.27
N VAL B 86 -11.96 17.82 -1.54
CA VAL B 86 -12.41 16.53 -1.99
C VAL B 86 -13.75 16.20 -1.35
N PHE B 87 -14.65 15.69 -2.17
CA PHE B 87 -15.87 15.06 -1.68
C PHE B 87 -16.03 13.70 -2.34
N SER B 88 -16.92 12.87 -1.82
CA SER B 88 -17.24 11.59 -2.45
C SER B 88 -18.50 11.74 -3.26
N VAL B 89 -18.45 11.30 -4.52
CA VAL B 89 -19.63 11.30 -5.35
C VAL B 89 -20.74 10.41 -4.78
N THR B 90 -20.41 9.57 -3.79
CA THR B 90 -21.41 8.71 -3.16
C THR B 90 -22.08 9.41 -1.97
N SER B 91 -21.68 10.65 -1.67
CA SER B 91 -22.08 11.35 -0.43
C SER B 91 -22.34 12.87 -0.60
N LYS B 92 -23.62 13.22 -0.76
CA LYS B 92 -24.00 14.63 -0.88
C LYS B 92 -23.64 15.38 0.40
N GLN B 93 -23.76 14.72 1.54
CA GLN B 93 -23.34 15.31 2.80
C GLN B 93 -21.86 15.74 2.72
N SER B 94 -21.00 14.94 2.09
CA SER B 94 -19.58 15.28 1.97
C SER B 94 -19.35 16.55 1.17
N LEU B 95 -20.18 16.79 0.17
CA LEU B 95 -20.01 17.99 -0.65
C LEU B 95 -20.47 19.19 0.16
N GLU B 96 -21.63 19.07 0.82
CA GLU B 96 -22.13 20.10 1.72
C GLU B 96 -21.10 20.52 2.80
N GLU B 97 -20.34 19.56 3.28
CA GLU B 97 -19.41 19.77 4.35
C GLU B 97 -18.19 20.58 3.90
N LEU B 98 -18.02 20.79 2.60
CA LEU B 98 -16.95 21.66 2.10
C LEU B 98 -17.27 23.16 2.21
N GLY B 99 -18.53 23.50 2.48
CA GLY B 99 -18.91 24.92 2.50
C GLY B 99 -18.06 25.78 3.41
N PRO B 100 -17.98 25.42 4.70
CA PRO B 100 -17.24 26.26 5.65
C PRO B 100 -15.77 26.47 5.27
N ILE B 101 -15.10 25.41 4.83
CA ILE B 101 -13.70 25.53 4.47
C ILE B 101 -13.48 26.37 3.19
N TYR B 102 -14.35 26.22 2.19
CA TYR B 102 -14.28 27.08 1.01
C TYR B 102 -14.39 28.55 1.41
N LYS B 103 -15.40 28.88 2.22
CA LYS B 103 -15.58 30.24 2.73
C LYS B 103 -14.32 30.77 3.43
N LEU B 104 -13.66 29.92 4.24
CA LEU B 104 -12.48 30.37 4.97
C LEU B 104 -11.30 30.58 4.04
N ILE B 105 -11.15 29.72 3.04
CA ILE B 105 -10.09 29.89 2.03
C ILE B 105 -10.27 31.23 1.30
N VAL B 106 -11.50 31.51 0.89
CA VAL B 106 -11.77 32.69 0.07
C VAL B 106 -11.59 33.93 0.90
N GLN B 107 -11.94 33.83 2.17
CA GLN B 107 -11.80 34.95 3.07
C GLN B 107 -10.34 35.24 3.40
N ILE B 108 -9.59 34.21 3.72
CA ILE B 108 -8.18 34.40 4.08
C ILE B 108 -7.30 34.82 2.88
N LYS B 109 -7.53 34.22 1.72
CA LYS B 109 -6.76 34.52 0.51
C LYS B 109 -7.32 35.69 -0.29
N GLY B 110 -8.46 36.24 0.13
CA GLY B 110 -9.02 37.43 -0.49
C GLY B 110 -10.00 37.13 -1.61
N SER B 111 -9.66 36.20 -2.48
CA SER B 111 -10.50 35.87 -3.62
C SER B 111 -10.15 34.48 -4.14
N VAL B 112 -11.16 33.68 -4.48
CA VAL B 112 -10.94 32.39 -5.12
C VAL B 112 -10.12 32.57 -6.41
N GLU B 113 -10.20 33.75 -7.03
CA GLU B 113 -9.53 33.98 -8.31
C GLU B 113 -8.03 34.13 -8.15
N ASP B 114 -7.52 34.23 -6.93
CA ASP B 114 -6.12 34.53 -6.73
C ASP B 114 -5.26 33.35 -6.29
N ILE B 115 -5.88 32.19 -6.03
CA ILE B 115 -5.13 30.97 -5.72
C ILE B 115 -5.79 29.77 -6.39
N PRO B 116 -5.02 28.73 -6.72
CA PRO B 116 -5.65 27.51 -7.25
C PRO B 116 -6.57 26.81 -6.26
N VAL B 117 -7.81 26.57 -6.69
CA VAL B 117 -8.77 25.82 -5.88
C VAL B 117 -9.44 24.82 -6.80
N MET B 118 -9.36 23.55 -6.43
CA MET B 118 -9.92 22.48 -7.23
CA MET B 118 -9.96 22.50 -7.23
C MET B 118 -10.91 21.67 -6.40
N LEU B 119 -12.16 21.61 -6.87
CA LEU B 119 -13.18 20.72 -6.31
C LEU B 119 -12.97 19.33 -6.93
N VAL B 120 -12.92 18.27 -6.11
CA VAL B 120 -12.64 16.93 -6.62
C VAL B 120 -13.70 15.98 -6.17
N GLY B 121 -14.42 15.38 -7.12
CA GLY B 121 -15.38 14.32 -6.79
C GLY B 121 -14.66 12.99 -6.91
N ASN B 122 -14.29 12.41 -5.77
CA ASN B 122 -13.57 11.17 -5.75
C ASN B 122 -14.54 9.99 -5.64
N LYS B 123 -13.99 8.80 -5.91
CA LYS B 123 -14.71 7.53 -5.92
C LYS B 123 -15.60 7.43 -7.15
N CYS B 124 -15.15 8.02 -8.27
CA CYS B 124 -15.98 8.02 -9.50
C CYS B 124 -16.08 6.63 -10.19
N ASP B 125 -15.36 5.64 -9.63
CA ASP B 125 -15.57 4.26 -10.01
C ASP B 125 -16.86 3.68 -9.45
N GLU B 126 -17.49 4.37 -8.52
CA GLU B 126 -18.72 3.89 -7.87
C GLU B 126 -19.94 4.20 -8.73
N THR B 127 -20.87 3.25 -8.76
CA THR B 127 -22.07 3.36 -9.61
C THR B 127 -23.24 4.04 -8.89
N GLN B 128 -23.29 3.92 -7.55
CA GLN B 128 -24.38 4.50 -6.74
C GLN B 128 -23.96 5.87 -6.23
N ARG B 129 -24.17 6.88 -7.08
CA ARG B 129 -23.81 8.26 -6.76
C ARG B 129 -24.95 9.04 -6.08
N GLU B 130 -24.58 9.92 -5.17
CA GLU B 130 -25.51 10.94 -4.62
C GLU B 130 -25.35 12.31 -5.26
N VAL B 131 -24.20 12.55 -5.88
CA VAL B 131 -23.95 13.82 -6.61
C VAL B 131 -23.63 13.50 -8.05
N ASP B 132 -24.41 14.03 -9.00
CA ASP B 132 -24.15 13.81 -10.41
C ASP B 132 -22.97 14.67 -10.85
N THR B 133 -22.27 14.24 -11.89
CA THR B 133 -21.19 15.07 -12.50
C THR B 133 -21.67 16.47 -12.85
N ARG B 134 -22.84 16.57 -13.46
CA ARG B 134 -23.35 17.90 -13.85
C ARG B 134 -23.60 18.78 -12.63
N GLU B 135 -23.98 18.17 -11.51
CA GLU B 135 -24.25 18.93 -10.30
C GLU B 135 -22.95 19.51 -9.74
N ALA B 136 -21.91 18.69 -9.72
CA ALA B 136 -20.61 19.11 -9.21
C ALA B 136 -20.05 20.21 -10.09
N GLN B 137 -20.23 20.06 -11.40
CA GLN B 137 -19.78 21.08 -12.35
C GLN B 137 -20.44 22.44 -12.03
N ALA B 138 -21.73 22.43 -11.68
CA ALA B 138 -22.42 23.65 -11.31
C ALA B 138 -21.87 24.26 -10.03
N VAL B 139 -21.56 23.41 -9.07
CA VAL B 139 -20.98 23.89 -7.83
C VAL B 139 -19.69 24.66 -8.11
N ALA B 140 -18.83 24.07 -8.94
CA ALA B 140 -17.53 24.67 -9.28
C ALA B 140 -17.70 25.95 -10.13
N GLN B 141 -18.66 25.94 -11.03
CA GLN B 141 -18.99 27.12 -11.80
C GLN B 141 -19.41 28.25 -10.86
N GLU B 142 -20.29 27.94 -9.90
CA GLU B 142 -20.75 28.98 -8.96
C GLU B 142 -19.66 29.43 -7.99
N TRP B 143 -18.79 28.50 -7.61
CA TRP B 143 -17.64 28.80 -6.77
C TRP B 143 -16.43 29.38 -7.52
N LYS B 144 -16.53 29.49 -8.85
CA LYS B 144 -15.44 29.99 -9.71
C LYS B 144 -14.14 29.24 -9.46
N CYS B 145 -14.25 27.93 -9.33
CA CYS B 145 -13.09 27.08 -9.11
C CYS B 145 -13.07 25.96 -10.15
N ALA B 146 -12.03 25.15 -10.14
CA ALA B 146 -11.90 24.08 -11.12
C ALA B 146 -12.57 22.84 -10.56
N PHE B 147 -12.85 21.91 -11.44
CA PHE B 147 -13.49 20.66 -11.02
C PHE B 147 -12.94 19.46 -11.77
N MET B 148 -12.74 18.35 -11.04
CA MET B 148 -12.33 17.11 -11.66
C MET B 148 -12.91 15.94 -10.90
N GLU B 149 -13.26 14.88 -11.62
CA GLU B 149 -13.60 13.61 -11.01
C GLU B 149 -12.40 12.68 -10.99
N THR B 150 -12.23 11.97 -9.86
CA THR B 150 -11.12 11.06 -9.70
C THR B 150 -11.56 9.72 -9.15
N SER B 151 -10.72 8.70 -9.35
CA SER B 151 -10.80 7.45 -8.60
C SER B 151 -9.39 7.14 -8.14
N ALA B 152 -9.11 7.39 -6.85
CA ALA B 152 -7.85 6.96 -6.26
C ALA B 152 -7.64 5.46 -6.48
N LYS B 153 -8.71 4.69 -6.32
CA LYS B 153 -8.64 3.27 -6.42
C LYS B 153 -8.14 2.81 -7.78
N MET B 154 -8.59 3.48 -8.84
CA MET B 154 -8.26 3.09 -10.18
C MET B 154 -7.10 3.92 -10.77
N ASN B 155 -6.54 4.83 -10.00
CA ASN B 155 -5.53 5.76 -10.50
C ASN B 155 -6.08 6.60 -11.64
N TYR B 156 -7.36 6.92 -11.55
CA TYR B 156 -8.03 7.68 -12.58
C TYR B 156 -8.00 9.15 -12.21
N ASN B 157 -7.42 9.96 -13.09
CA ASN B 157 -7.25 11.40 -12.90
C ASN B 157 -6.43 11.83 -11.68
N VAL B 158 -5.58 10.95 -11.18
CA VAL B 158 -4.82 11.27 -9.96
C VAL B 158 -3.62 12.16 -10.32
N LYS B 159 -2.80 11.71 -11.26
CA LYS B 159 -1.70 12.53 -11.76
C LYS B 159 -2.26 13.81 -12.40
N GLU B 160 -3.36 13.70 -13.14
CA GLU B 160 -3.93 14.83 -13.86
C GLU B 160 -4.44 15.93 -12.91
N LEU B 161 -4.94 15.53 -11.74
CA LEU B 161 -5.39 16.45 -10.71
C LEU B 161 -4.27 17.39 -10.27
N PHE B 162 -3.14 16.81 -9.89
CA PHE B 162 -2.00 17.61 -9.48
C PHE B 162 -1.42 18.42 -10.66
N GLN B 163 -1.35 17.84 -11.85
CA GLN B 163 -0.86 18.63 -12.98
C GLN B 163 -1.77 19.81 -13.28
N GLU B 164 -3.09 19.58 -13.28
CA GLU B 164 -4.01 20.67 -13.55
C GLU B 164 -3.92 21.75 -12.49
N LEU B 165 -3.82 21.34 -11.23
CA LEU B 165 -3.71 22.30 -10.13
C LEU B 165 -2.48 23.18 -10.28
N LEU B 166 -1.33 22.58 -10.63
CA LEU B 166 -0.09 23.34 -10.81
C LEU B 166 -0.18 24.32 -11.96
N THR B 167 -0.89 23.90 -13.00
CA THR B 167 -1.11 24.75 -14.17
C THR B 167 -1.94 26.01 -13.86
N LEU B 168 -2.85 25.89 -12.89
CA LEU B 168 -3.68 27.00 -12.44
C LEU B 168 -2.91 28.13 -11.73
N GLU B 169 -1.74 27.79 -11.17
CA GLU B 169 -0.88 28.81 -10.54
C GLU B 169 -0.25 29.62 -11.66
N THR B 170 -0.50 30.91 -11.65
CA THR B 170 0.03 31.81 -12.65
C THR B 170 1.35 32.47 -12.22
N ARG B 171 1.70 32.42 -10.94
CA ARG B 171 2.93 33.10 -10.44
C ARG B 171 4.21 32.27 -10.56
N ARG B 172 4.04 30.98 -10.86
CA ARG B 172 5.15 30.09 -11.14
C ARG B 172 4.75 29.26 -12.32
N ASN B 173 5.75 28.77 -13.04
CA ASN B 173 5.51 27.80 -14.08
C ASN B 173 5.97 26.43 -13.56
N MET B 174 5.02 25.59 -13.19
CA MET B 174 5.34 24.29 -12.58
C MET B 174 4.82 23.10 -13.40
N SER B 175 5.59 22.01 -13.36
CA SER B 175 5.23 20.81 -14.04
C SER B 175 5.71 19.58 -13.27
N LEU B 176 4.97 18.49 -13.39
CA LEU B 176 5.42 17.22 -12.83
C LEU B 176 6.59 16.61 -13.57
N ASN B 177 6.79 16.93 -14.85
CA ASN B 177 7.81 16.24 -15.66
C ASN B 177 9.26 16.57 -15.28
N ASN C 7 25.07 8.12 -10.25
CA ASN C 7 25.06 6.74 -10.81
C ASN C 7 24.31 5.78 -9.88
N ASP C 8 23.56 4.86 -10.44
CA ASP C 8 22.66 4.08 -9.63
C ASP C 8 23.44 2.98 -8.93
N TYR C 9 22.93 2.57 -7.76
CA TYR C 9 23.39 1.36 -7.08
C TYR C 9 22.24 0.41 -7.14
N ARG C 10 22.49 -0.75 -7.73
CA ARG C 10 21.42 -1.69 -8.09
C ARG C 10 21.43 -2.90 -7.20
N VAL C 11 20.32 -3.09 -6.53
CA VAL C 11 20.12 -4.18 -5.61
C VAL C 11 19.02 -5.06 -6.19
N VAL C 12 19.25 -6.36 -6.30
CA VAL C 12 18.27 -7.30 -6.82
C VAL C 12 17.79 -8.22 -5.72
N VAL C 13 16.46 -8.37 -5.62
CA VAL C 13 15.87 -9.18 -4.56
C VAL C 13 15.38 -10.45 -5.22
N PHE C 14 15.91 -11.58 -4.76
CA PHE C 14 15.57 -12.88 -5.28
C PHE C 14 14.87 -13.67 -4.19
N GLY C 15 14.22 -14.74 -4.59
CA GLY C 15 13.55 -15.65 -3.65
C GLY C 15 12.33 -16.25 -4.29
N ALA C 16 11.87 -17.37 -3.73
CA ALA C 16 10.69 -18.06 -4.28
C ALA C 16 9.46 -17.19 -4.20
N GLY C 17 8.52 -17.50 -5.07
CA GLY C 17 7.23 -16.86 -5.06
C GLY C 17 6.61 -17.03 -3.70
N GLY C 18 6.08 -15.95 -3.15
CA GLY C 18 5.34 -16.05 -1.89
C GLY C 18 6.14 -15.74 -0.64
N VAL C 19 7.45 -15.51 -0.74
CA VAL C 19 8.25 -15.36 0.46
C VAL C 19 8.18 -13.97 1.09
N GLY C 20 7.69 -12.97 0.36
CA GLY C 20 7.56 -11.61 0.85
C GLY C 20 8.55 -10.61 0.27
N LYS C 21 9.11 -10.90 -0.90
CA LYS C 21 10.02 -9.98 -1.57
C LYS C 21 9.34 -8.62 -1.83
N SER C 22 8.16 -8.67 -2.45
CA SER C 22 7.44 -7.44 -2.78
C SER C 22 7.03 -6.74 -1.50
N SER C 23 6.65 -7.52 -0.50
CA SER C 23 6.25 -6.93 0.77
C SER C 23 7.39 -6.18 1.45
N LEU C 24 8.59 -6.76 1.43
CA LEU C 24 9.78 -6.12 1.99
C LEU C 24 10.15 -4.85 1.23
N VAL C 25 10.11 -4.91 -0.09
CA VAL C 25 10.52 -3.74 -0.89
C VAL C 25 9.51 -2.61 -0.76
N LEU C 26 8.21 -2.94 -0.82
CA LEU C 26 7.15 -1.96 -0.67
C LEU C 26 7.13 -1.32 0.72
N ARG C 27 7.34 -2.12 1.77
CA ARG C 27 7.49 -1.57 3.12
C ARG C 27 8.67 -0.62 3.20
N PHE C 28 9.81 -1.01 2.66
CA PHE C 28 10.96 -0.14 2.70
C PHE C 28 10.73 1.16 1.92
N VAL C 29 10.26 1.03 0.69
CA VAL C 29 10.14 2.18 -0.21
C VAL C 29 8.90 3.03 0.05
N LYS C 30 7.78 2.41 0.42
CA LYS C 30 6.54 3.12 0.53
C LYS C 30 5.98 3.18 1.96
N GLY C 31 6.52 2.36 2.84
CA GLY C 31 6.11 2.32 4.24
C GLY C 31 4.82 1.55 4.53
N THR C 32 4.22 0.96 3.51
CA THR C 32 2.91 0.33 3.66
C THR C 32 3.05 -1.17 3.64
N PHE C 33 2.01 -1.86 4.11
CA PHE C 33 1.92 -3.32 4.01
C PHE C 33 0.45 -3.71 3.99
N ARG C 34 0.10 -4.63 3.10
CA ARG C 34 -1.27 -5.16 2.99
C ARG C 34 -1.19 -6.68 2.95
N ASP C 35 -2.15 -7.36 3.55
CA ASP C 35 -2.11 -8.82 3.56
C ASP C 35 -2.48 -9.44 2.20
N THR C 36 -3.36 -8.81 1.43
CA THR C 36 -3.73 -9.31 0.10
C THR C 36 -2.62 -9.06 -0.92
N TYR C 37 -2.51 -9.96 -1.91
CA TYR C 37 -1.52 -9.82 -2.98
C TYR C 37 -1.73 -8.50 -3.70
N ILE C 38 -0.64 -7.80 -3.93
CA ILE C 38 -0.68 -6.47 -4.48
C ILE C 38 -0.31 -6.64 -5.96
N PRO C 39 -1.31 -6.63 -6.87
CA PRO C 39 -1.08 -6.97 -8.30
C PRO C 39 -0.06 -6.15 -9.15
N THR C 40 0.69 -5.24 -8.54
CA THR C 40 1.37 -4.18 -9.30
C THR C 40 2.30 -4.68 -10.44
N ILE C 41 2.50 -3.86 -11.47
CA ILE C 41 3.28 -4.25 -12.65
C ILE C 41 4.75 -3.88 -12.48
N GLU C 42 5.02 -2.62 -12.13
CA GLU C 42 6.36 -2.18 -11.78
C GLU C 42 7.13 -3.14 -10.88
N ASP C 43 8.36 -3.45 -11.26
CA ASP C 43 9.23 -4.29 -10.44
C ASP C 43 10.50 -3.54 -10.00
N THR C 44 10.60 -2.26 -10.37
CA THR C 44 11.82 -1.48 -10.15
C THR C 44 11.50 -0.26 -9.33
N TYR C 45 12.18 -0.10 -8.20
CA TYR C 45 11.91 1.00 -7.27
C TYR C 45 13.18 1.80 -7.04
N ARG C 46 13.02 3.10 -6.89
CA ARG C 46 14.13 4.03 -6.80
C ARG C 46 13.99 4.89 -5.56
N GLN C 47 15.04 4.91 -4.74
CA GLN C 47 15.12 5.82 -3.62
C GLN C 47 16.44 6.61 -3.71
N VAL C 48 16.39 7.91 -3.47
CA VAL C 48 17.61 8.73 -3.40
C VAL C 48 18.31 8.40 -2.07
N ILE C 49 19.62 8.18 -2.12
CA ILE C 49 20.41 7.88 -0.92
C ILE C 49 21.68 8.72 -0.92
N SER C 50 22.36 8.69 0.22
CA SER C 50 23.65 9.35 0.36
C SER C 50 24.76 8.43 -0.17
N CYS C 51 25.64 8.98 -0.98
CA CYS C 51 26.65 8.17 -1.61
C CYS C 51 27.92 8.94 -1.92
N ASP C 52 29.02 8.48 -1.33
CA ASP C 52 30.33 9.10 -1.54
C ASP C 52 30.29 10.62 -1.43
N LYS C 53 29.71 11.12 -0.34
CA LYS C 53 29.61 12.59 -0.10
C LYS C 53 28.71 13.33 -1.10
N SER C 54 27.91 12.58 -1.85
CA SER C 54 26.98 13.13 -2.79
C SER C 54 25.68 12.35 -2.63
N VAL C 55 24.88 12.34 -3.70
CA VAL C 55 23.66 11.56 -3.71
C VAL C 55 23.69 10.64 -4.90
N CYS C 56 22.99 9.52 -4.79
CA CYS C 56 22.80 8.65 -5.92
C CYS C 56 21.49 7.91 -5.72
N THR C 57 21.10 7.10 -6.70
CA THR C 57 19.82 6.40 -6.60
C THR C 57 20.05 4.95 -6.32
N LEU C 58 19.46 4.49 -5.24
CA LEU C 58 19.30 3.09 -4.93
C LEU C 58 18.12 2.57 -5.77
N GLN C 59 18.43 1.66 -6.67
CA GLN C 59 17.44 1.06 -7.52
C GLN C 59 17.28 -0.37 -7.09
N ILE C 60 16.06 -0.72 -6.71
CA ILE C 60 15.77 -2.05 -6.19
C ILE C 60 14.89 -2.81 -7.20
N THR C 61 15.34 -3.99 -7.60
CA THR C 61 14.61 -4.85 -8.52
C THR C 61 13.92 -5.91 -7.67
N ASP C 62 12.58 -5.89 -7.73
CA ASP C 62 11.73 -6.80 -6.97
C ASP C 62 11.28 -7.87 -7.98
N THR C 63 12.01 -8.99 -8.00
CA THR C 63 11.87 -9.95 -9.09
CA THR C 63 11.87 -9.98 -9.06
C THR C 63 10.47 -10.56 -9.10
N THR C 64 9.84 -10.52 -10.27
CA THR C 64 8.49 -10.98 -10.51
C THR C 64 8.43 -12.47 -10.87
N GLY C 65 7.36 -13.14 -10.43
CA GLY C 65 7.02 -14.47 -10.95
C GLY C 65 6.90 -15.49 -9.84
N SER C 66 6.07 -16.49 -10.06
CA SER C 66 5.98 -17.66 -9.21
C SER C 66 6.94 -18.76 -9.71
N HIS C 67 7.38 -18.65 -10.97
CA HIS C 67 8.29 -19.61 -11.60
C HIS C 67 9.30 -18.85 -12.50
N GLN C 68 10.33 -18.27 -11.88
CA GLN C 68 11.19 -17.29 -12.55
C GLN C 68 12.05 -17.94 -13.59
N PHE C 69 12.24 -17.24 -14.71
CA PHE C 69 12.95 -17.80 -15.83
C PHE C 69 14.45 -17.61 -15.64
N PRO C 70 15.20 -18.72 -15.71
CA PRO C 70 16.66 -18.66 -15.48
C PRO C 70 17.43 -17.57 -16.29
N ALA C 71 17.11 -17.37 -17.56
CA ALA C 71 17.87 -16.38 -18.36
C ALA C 71 17.62 -14.97 -17.79
N MET C 72 16.43 -14.75 -17.26
CA MET C 72 16.08 -13.46 -16.66
CA MET C 72 16.07 -13.48 -16.64
C MET C 72 16.85 -13.28 -15.35
N GLN C 73 17.04 -14.37 -14.61
CA GLN C 73 17.86 -14.32 -13.41
C GLN C 73 19.31 -13.98 -13.74
N ARG C 74 19.86 -14.63 -14.77
CA ARG C 74 21.22 -14.36 -15.20
C ARG C 74 21.41 -12.89 -15.59
N LEU C 75 20.48 -12.35 -16.38
CA LEU C 75 20.55 -10.93 -16.79
C LEU C 75 20.51 -10.00 -15.60
N SER C 76 19.59 -10.26 -14.66
CA SER C 76 19.50 -9.48 -13.44
C SER C 76 20.79 -9.52 -12.61
N ILE C 77 21.42 -10.68 -12.49
CA ILE C 77 22.67 -10.79 -11.72
C ILE C 77 23.80 -10.01 -12.41
N SER C 78 23.92 -10.18 -13.71
CA SER C 78 24.94 -9.45 -14.45
C SER C 78 24.80 -7.93 -14.27
N LYS C 79 23.57 -7.43 -14.35
CA LYS C 79 23.29 -6.00 -14.23
C LYS C 79 23.30 -5.49 -12.77
N GLY C 80 23.12 -6.37 -11.80
CA GLY C 80 23.01 -5.96 -10.39
C GLY C 80 24.35 -5.83 -9.69
N HIS C 81 24.37 -5.06 -8.60
CA HIS C 81 25.60 -4.83 -7.80
C HIS C 81 25.57 -5.56 -6.49
N ALA C 82 24.37 -5.75 -5.95
CA ALA C 82 24.20 -6.36 -4.63
C ALA C 82 22.93 -7.17 -4.62
N PHE C 83 22.90 -8.17 -3.74
CA PHE C 83 21.82 -9.16 -3.77
C PHE C 83 21.24 -9.49 -2.41
N ILE C 84 19.90 -9.54 -2.39
CA ILE C 84 19.14 -9.93 -1.23
C ILE C 84 18.39 -11.23 -1.59
N LEU C 85 18.72 -12.28 -0.85
CA LEU C 85 18.21 -13.60 -1.12
C LEU C 85 17.21 -13.95 -0.03
N VAL C 86 15.94 -13.88 -0.38
CA VAL C 86 14.86 -13.95 0.59
C VAL C 86 14.24 -15.33 0.62
N PHE C 87 14.04 -15.86 1.84
CA PHE C 87 13.23 -17.05 2.07
C PHE C 87 12.23 -16.77 3.18
N SER C 88 11.22 -17.63 3.28
CA SER C 88 10.24 -17.56 4.39
C SER C 88 10.60 -18.58 5.48
N VAL C 89 10.65 -18.13 6.71
CA VAL C 89 11.00 -19.00 7.84
C VAL C 89 9.96 -20.09 8.03
N THR C 90 8.78 -19.93 7.43
CA THR C 90 7.76 -20.96 7.44
C THR C 90 7.92 -22.01 6.33
N SER C 91 8.94 -21.87 5.47
CA SER C 91 9.11 -22.73 4.30
C SER C 91 10.58 -23.15 4.10
N LYS C 92 10.91 -24.37 4.52
CA LYS C 92 12.25 -24.89 4.25
C LYS C 92 12.52 -24.99 2.74
N GLN C 93 11.52 -25.40 1.97
CA GLN C 93 11.68 -25.48 0.50
C GLN C 93 12.16 -24.15 -0.07
N SER C 94 11.65 -23.05 0.46
CA SER C 94 11.98 -21.72 -0.02
C SER C 94 13.46 -21.39 0.24
N LEU C 95 13.97 -21.87 1.35
CA LEU C 95 15.41 -21.72 1.61
C LEU C 95 16.18 -22.58 0.62
N GLU C 96 15.75 -23.83 0.44
CA GLU C 96 16.43 -24.73 -0.54
C GLU C 96 16.53 -24.12 -1.93
N GLU C 97 15.49 -23.37 -2.35
CA GLU C 97 15.44 -22.85 -3.71
C GLU C 97 16.33 -21.65 -3.94
N LEU C 98 16.91 -21.11 -2.87
CA LEU C 98 17.96 -20.10 -2.98
C LEU C 98 19.34 -20.63 -3.41
N GLY C 99 19.55 -21.92 -3.24
CA GLY C 99 20.86 -22.55 -3.57
C GLY C 99 21.33 -22.29 -4.99
N PRO C 100 20.50 -22.62 -5.98
CA PRO C 100 20.94 -22.36 -7.35
C PRO C 100 21.20 -20.87 -7.66
N ILE C 101 20.45 -19.98 -7.01
CA ILE C 101 20.58 -18.55 -7.25
C ILE C 101 21.92 -18.06 -6.72
N TYR C 102 22.23 -18.43 -5.48
CA TYR C 102 23.53 -18.13 -4.89
C TYR C 102 24.67 -18.63 -5.76
N LYS C 103 24.56 -19.88 -6.19
CA LYS C 103 25.57 -20.52 -7.03
C LYS C 103 25.80 -19.69 -8.31
N LEU C 104 24.71 -19.21 -8.92
CA LEU C 104 24.81 -18.42 -10.17
C LEU C 104 25.44 -17.06 -9.90
N ILE C 105 25.06 -16.46 -8.78
CA ILE C 105 25.67 -15.19 -8.37
C ILE C 105 27.21 -15.32 -8.27
N VAL C 106 27.68 -16.32 -7.53
CA VAL C 106 29.12 -16.53 -7.39
C VAL C 106 29.80 -16.86 -8.71
N GLN C 107 29.13 -17.63 -9.55
CA GLN C 107 29.66 -17.94 -10.86
C GLN C 107 29.85 -16.64 -11.67
N ILE C 108 28.81 -15.82 -11.75
CA ILE C 108 28.87 -14.61 -12.59
C ILE C 108 29.77 -13.53 -12.03
N LYS C 109 29.65 -13.26 -10.71
CA LYS C 109 30.43 -12.21 -10.07
C LYS C 109 31.83 -12.65 -9.63
N GLY C 110 32.10 -13.96 -9.69
CA GLY C 110 33.43 -14.50 -9.45
C GLY C 110 33.68 -14.95 -8.03
N SER C 111 33.18 -14.19 -7.07
CA SER C 111 33.43 -14.48 -5.66
C SER C 111 32.44 -13.72 -4.81
N VAL C 112 31.85 -14.40 -3.83
CA VAL C 112 30.94 -13.75 -2.89
C VAL C 112 31.63 -12.58 -2.15
N GLU C 113 32.95 -12.62 -2.02
CA GLU C 113 33.66 -11.60 -1.26
C GLU C 113 33.68 -10.24 -1.95
N ASP C 114 33.35 -10.22 -3.24
CA ASP C 114 33.46 -8.98 -4.01
C ASP C 114 32.14 -8.21 -4.20
N ILE C 115 31.03 -8.75 -3.71
CA ILE C 115 29.74 -8.08 -3.85
C ILE C 115 28.92 -8.31 -2.57
N PRO C 116 28.06 -7.35 -2.20
CA PRO C 116 27.18 -7.62 -1.07
C PRO C 116 26.13 -8.68 -1.32
N VAL C 117 26.06 -9.65 -0.42
CA VAL C 117 25.00 -10.65 -0.46
C VAL C 117 24.44 -10.83 0.95
N MET C 118 23.12 -10.75 1.05
CA MET C 118 22.39 -10.90 2.32
C MET C 118 21.37 -12.01 2.22
N LEU C 119 21.39 -12.94 3.16
CA LEU C 119 20.36 -13.95 3.25
C LEU C 119 19.34 -13.43 4.28
N VAL C 120 18.07 -13.49 3.92
CA VAL C 120 17.00 -12.90 4.73
C VAL C 120 15.90 -13.90 4.97
N GLY C 121 15.60 -14.17 6.26
CA GLY C 121 14.47 -15.04 6.65
C GLY C 121 13.33 -14.10 6.96
N ASN C 122 12.35 -14.01 6.08
CA ASN C 122 11.23 -13.09 6.25
C ASN C 122 10.04 -13.84 6.87
N LYS C 123 9.01 -13.06 7.23
CA LYS C 123 7.83 -13.58 7.91
C LYS C 123 8.21 -14.04 9.32
N CYS C 124 9.21 -13.41 9.93
CA CYS C 124 9.65 -13.79 11.30
C CYS C 124 8.64 -13.45 12.41
N ASP C 125 7.51 -12.83 12.07
CA ASP C 125 6.36 -12.79 12.97
C ASP C 125 5.62 -14.12 13.09
N GLU C 126 5.89 -15.07 12.19
CA GLU C 126 5.17 -16.33 12.19
C GLU C 126 5.81 -17.30 13.15
N THR C 127 4.97 -18.07 13.83
CA THR C 127 5.36 -18.98 14.89
C THR C 127 5.53 -20.42 14.41
N GLN C 128 4.99 -20.76 13.23
CA GLN C 128 5.10 -22.14 12.76
C GLN C 128 6.23 -22.24 11.76
N ARG C 129 7.44 -22.24 12.28
CA ARG C 129 8.63 -22.17 11.46
C ARG C 129 9.00 -23.56 10.93
N GLU C 130 9.60 -23.57 9.75
CA GLU C 130 10.25 -24.75 9.18
C GLU C 130 11.76 -24.60 9.13
N VAL C 131 12.25 -23.40 9.41
CA VAL C 131 13.69 -23.11 9.43
C VAL C 131 14.10 -22.44 10.74
N ASP C 132 15.07 -23.04 11.42
CA ASP C 132 15.60 -22.53 12.66
C ASP C 132 16.53 -21.37 12.32
N THR C 133 16.53 -20.31 13.13
CA THR C 133 17.43 -19.16 12.88
C THR C 133 18.89 -19.62 12.78
N ARG C 134 19.31 -20.48 13.70
CA ARG C 134 20.72 -20.91 13.75
C ARG C 134 21.08 -21.76 12.55
N GLU C 135 20.10 -22.50 12.00
CA GLU C 135 20.39 -23.30 10.81
C GLU C 135 20.56 -22.40 9.59
N ALA C 136 19.78 -21.32 9.51
CA ALA C 136 19.98 -20.32 8.47
C ALA C 136 21.28 -19.56 8.69
N GLN C 137 21.63 -19.27 9.92
CA GLN C 137 22.93 -18.62 10.17
C GLN C 137 24.12 -19.48 9.73
N ALA C 138 24.00 -20.78 9.93
CA ALA C 138 25.04 -21.72 9.54
C ALA C 138 25.26 -21.73 8.02
N VAL C 139 24.15 -21.63 7.26
CA VAL C 139 24.18 -21.45 5.80
C VAL C 139 24.90 -20.17 5.40
N ALA C 140 24.54 -19.06 6.04
CA ALA C 140 25.19 -17.78 5.73
C ALA C 140 26.69 -17.82 6.03
N GLN C 141 27.10 -18.59 7.05
CA GLN C 141 28.52 -18.76 7.32
C GLN C 141 29.25 -19.39 6.15
N GLU C 142 28.71 -20.52 5.68
CA GLU C 142 29.32 -21.27 4.58
C GLU C 142 29.32 -20.47 3.29
N TRP C 143 28.25 -19.74 3.08
CA TRP C 143 28.10 -18.86 1.94
C TRP C 143 28.91 -17.56 2.06
N LYS C 144 29.45 -17.27 3.25
CA LYS C 144 30.21 -16.04 3.52
C LYS C 144 29.37 -14.80 3.19
N CYS C 145 28.10 -14.85 3.56
CA CYS C 145 27.20 -13.73 3.36
C CYS C 145 26.57 -13.27 4.71
N ALA C 146 25.92 -12.12 4.67
CA ALA C 146 25.29 -11.56 5.84
C ALA C 146 23.95 -12.25 6.00
N PHE C 147 23.41 -12.21 7.21
CA PHE C 147 22.12 -12.83 7.52
C PHE C 147 21.28 -11.94 8.44
N MET C 148 19.98 -11.88 8.16
CA MET C 148 19.07 -11.14 9.01
C MET C 148 17.68 -11.79 8.93
N GLU C 149 16.91 -11.66 10.01
CA GLU C 149 15.47 -11.98 9.98
C GLU C 149 14.65 -10.72 9.97
N THR C 150 13.54 -10.76 9.23
CA THR C 150 12.68 -9.61 8.97
C THR C 150 11.22 -10.00 9.04
N SER C 151 10.37 -9.01 9.32
CA SER C 151 8.94 -9.12 9.11
C SER C 151 8.48 -7.85 8.41
N ALA C 152 8.21 -7.97 7.11
CA ALA C 152 7.58 -6.90 6.35
C ALA C 152 6.31 -6.45 7.06
N LYS C 153 5.57 -7.43 7.59
CA LYS C 153 4.29 -7.17 8.23
C LYS C 153 4.43 -6.28 9.48
N MET C 154 5.40 -6.56 10.32
CA MET C 154 5.57 -5.80 11.57
C MET C 154 6.62 -4.68 11.44
N ASN C 155 7.11 -4.48 10.23
CA ASN C 155 8.13 -3.49 9.93
C ASN C 155 9.34 -3.71 10.82
N TYR C 156 9.80 -4.96 10.89
CA TYR C 156 10.92 -5.32 11.77
C TYR C 156 12.13 -5.67 10.92
N ASN C 157 13.23 -4.96 11.18
CA ASN C 157 14.48 -5.07 10.44
C ASN C 157 14.41 -4.74 8.94
N VAL C 158 13.41 -3.97 8.52
CA VAL C 158 13.26 -3.68 7.09
C VAL C 158 14.24 -2.60 6.69
N LYS C 159 14.21 -1.46 7.38
CA LYS C 159 15.20 -0.39 7.17
C LYS C 159 16.59 -0.92 7.43
N GLU C 160 16.72 -1.76 8.46
CA GLU C 160 18.03 -2.31 8.85
C GLU C 160 18.64 -3.17 7.74
N LEU C 161 17.79 -3.93 7.06
CA LEU C 161 18.22 -4.81 5.96
C LEU C 161 18.95 -4.02 4.87
N PHE C 162 18.27 -3.01 4.34
CA PHE C 162 18.85 -2.17 3.31
C PHE C 162 20.06 -1.38 3.79
N GLN C 163 20.06 -0.87 5.02
CA GLN C 163 21.23 -0.15 5.51
C GLN C 163 22.45 -1.06 5.66
N GLU C 164 22.22 -2.26 6.20
CA GLU C 164 23.32 -3.21 6.35
C GLU C 164 23.86 -3.65 4.99
N LEU C 165 22.97 -3.86 4.03
CA LEU C 165 23.41 -4.24 2.69
C LEU C 165 24.36 -3.17 2.10
N LEU C 166 24.00 -1.90 2.26
CA LEU C 166 24.77 -0.80 1.69
C LEU C 166 26.14 -0.69 2.37
N THR C 167 26.18 -0.89 3.69
CA THR C 167 27.42 -0.89 4.46
CA THR C 167 27.45 -0.88 4.43
C THR C 167 28.39 -2.01 4.00
N LEU C 168 27.86 -3.12 3.52
CA LEU C 168 28.72 -4.21 3.00
C LEU C 168 29.51 -3.88 1.72
N GLU C 169 29.02 -2.92 0.94
CA GLU C 169 29.71 -2.45 -0.25
C GLU C 169 30.91 -1.62 0.17
N THR C 170 32.08 -2.04 -0.26
CA THR C 170 33.29 -1.39 0.21
C THR C 170 33.86 -0.37 -0.81
N ARG C 171 33.37 -0.38 -2.05
CA ARG C 171 33.85 0.56 -3.09
C ARG C 171 33.08 1.88 -3.12
N ARG C 172 31.95 1.93 -2.40
CA ARG C 172 31.19 3.14 -2.18
C ARG C 172 30.81 3.24 -0.71
N ASN C 173 30.80 4.46 -0.20
CA ASN C 173 30.29 4.72 1.12
C ASN C 173 28.85 5.21 0.99
N MET C 174 27.89 4.37 1.33
CA MET C 174 26.47 4.68 1.13
C MET C 174 25.66 4.62 2.43
N SER C 175 24.70 5.53 2.56
CA SER C 175 23.69 5.44 3.60
C SER C 175 22.33 6.02 3.21
N LEU C 176 21.31 5.50 3.87
CA LEU C 176 19.93 5.95 3.68
C LEU C 176 19.73 7.36 4.20
N ASN C 177 20.53 7.78 5.18
CA ASN C 177 20.43 9.15 5.67
C ASN C 177 20.87 10.16 4.60
N ASN D 7 -28.87 -17.09 -23.38
CA ASN D 7 -27.67 -17.90 -23.01
C ASN D 7 -26.30 -17.29 -23.43
N ASP D 8 -26.12 -15.99 -23.31
CA ASP D 8 -24.92 -15.37 -23.81
C ASP D 8 -23.73 -15.63 -22.90
N TYR D 9 -22.54 -15.71 -23.48
CA TYR D 9 -21.29 -15.70 -22.72
C TYR D 9 -20.58 -14.44 -23.10
N ARG D 10 -20.32 -13.62 -22.08
CA ARG D 10 -19.89 -12.24 -22.29
C ARG D 10 -18.46 -12.06 -21.95
N VAL D 11 -17.69 -11.67 -22.95
CA VAL D 11 -16.24 -11.45 -22.80
C VAL D 11 -16.01 -9.97 -22.99
N VAL D 12 -15.25 -9.38 -22.08
CA VAL D 12 -14.95 -7.94 -22.09
C VAL D 12 -13.47 -7.77 -22.34
N VAL D 13 -13.17 -6.91 -23.32
CA VAL D 13 -11.79 -6.61 -23.72
C VAL D 13 -11.45 -5.26 -23.14
N PHE D 14 -10.43 -5.25 -22.28
CA PHE D 14 -9.93 -4.04 -21.65
C PHE D 14 -8.53 -3.77 -22.13
N GLY D 15 -8.03 -2.58 -21.83
CA GLY D 15 -6.66 -2.15 -22.19
C GLY D 15 -6.63 -0.69 -22.59
N ALA D 16 -5.46 -0.08 -22.56
CA ALA D 16 -5.33 1.35 -22.90
C ALA D 16 -5.76 1.67 -24.32
N GLY D 17 -6.11 2.94 -24.55
CA GLY D 17 -6.43 3.35 -25.90
C GLY D 17 -5.20 3.11 -26.76
N GLY D 18 -5.41 2.57 -27.95
CA GLY D 18 -4.34 2.42 -28.92
C GLY D 18 -3.63 1.06 -28.94
N VAL D 19 -3.99 0.16 -28.03
CA VAL D 19 -3.26 -1.10 -27.95
C VAL D 19 -3.69 -2.12 -29.00
N GLY D 20 -4.84 -1.91 -29.63
CA GLY D 20 -5.32 -2.81 -30.67
C GLY D 20 -6.48 -3.69 -30.26
N LYS D 21 -7.22 -3.30 -29.22
CA LYS D 21 -8.43 -3.99 -28.78
C LYS D 21 -9.43 -4.12 -29.93
N SER D 22 -9.73 -3.01 -30.59
CA SER D 22 -10.76 -3.05 -31.65
C SER D 22 -10.24 -3.85 -32.84
N SER D 23 -8.94 -3.73 -33.11
CA SER D 23 -8.35 -4.47 -34.22
C SER D 23 -8.40 -5.98 -33.98
N LEU D 24 -8.17 -6.42 -32.75
CA LEU D 24 -8.25 -7.85 -32.42
C LEU D 24 -9.69 -8.35 -32.57
N VAL D 25 -10.63 -7.59 -32.04
CA VAL D 25 -12.02 -8.07 -32.02
C VAL D 25 -12.54 -8.10 -33.46
N LEU D 26 -12.22 -7.05 -34.22
CA LEU D 26 -12.66 -6.96 -35.61
C LEU D 26 -12.00 -8.03 -36.48
N ARG D 27 -10.71 -8.29 -36.25
CA ARG D 27 -10.07 -9.39 -36.95
C ARG D 27 -10.76 -10.72 -36.63
N PHE D 28 -11.02 -10.97 -35.36
CA PHE D 28 -11.69 -12.21 -34.98
C PHE D 28 -13.09 -12.34 -35.58
N VAL D 29 -13.91 -11.32 -35.41
CA VAL D 29 -15.32 -11.44 -35.78
CA VAL D 29 -15.33 -11.40 -35.78
C VAL D 29 -15.58 -11.21 -37.28
N LYS D 30 -14.80 -10.32 -37.88
CA LYS D 30 -15.06 -9.93 -39.26
C LYS D 30 -13.96 -10.34 -40.25
N GLY D 31 -12.79 -10.71 -39.73
CA GLY D 31 -11.68 -11.21 -40.52
C GLY D 31 -10.84 -10.11 -41.17
N THR D 32 -11.16 -8.85 -40.93
CA THR D 32 -10.50 -7.76 -41.64
C THR D 32 -9.54 -7.05 -40.72
N PHE D 33 -8.63 -6.29 -41.30
CA PHE D 33 -7.73 -5.41 -40.56
C PHE D 33 -7.36 -4.23 -41.45
N ARG D 34 -7.37 -3.04 -40.88
CA ARG D 34 -6.96 -1.82 -41.58
C ARG D 34 -6.00 -1.04 -40.68
N ASP D 35 -5.00 -0.40 -41.26
CA ASP D 35 -4.04 0.35 -40.44
C ASP D 35 -4.60 1.66 -39.87
N THR D 36 -5.49 2.30 -40.59
CA THR D 36 -6.10 3.54 -40.10
C THR D 36 -7.14 3.25 -39.00
N TYR D 37 -7.32 4.20 -38.08
CA TYR D 37 -8.34 4.07 -37.03
C TYR D 37 -9.72 3.91 -37.65
N ILE D 38 -10.47 2.97 -37.12
CA ILE D 38 -11.78 2.60 -37.64
C ILE D 38 -12.82 3.29 -36.74
N PRO D 39 -13.37 4.43 -37.18
CA PRO D 39 -14.25 5.27 -36.32
C PRO D 39 -15.55 4.66 -35.74
N THR D 40 -15.75 3.35 -35.83
CA THR D 40 -17.07 2.77 -35.65
C THR D 40 -17.72 3.08 -34.28
N ILE D 41 -19.05 3.01 -34.20
CA ILE D 41 -19.74 3.33 -32.96
C ILE D 41 -20.24 2.21 -32.03
N GLU D 42 -20.90 1.19 -32.55
CA GLU D 42 -20.75 -0.20 -32.10
C GLU D 42 -19.53 -0.68 -31.30
N ASP D 43 -19.80 -1.10 -30.06
CA ASP D 43 -18.76 -1.69 -29.22
C ASP D 43 -19.05 -3.15 -28.83
N THR D 44 -20.19 -3.68 -29.30
CA THR D 44 -20.63 -5.02 -28.94
C THR D 44 -20.81 -5.91 -30.17
N TYR D 45 -20.15 -7.06 -30.12
CA TYR D 45 -20.07 -7.97 -31.26
C TYR D 45 -20.53 -9.36 -30.84
N ARG D 46 -21.31 -10.00 -31.71
CA ARG D 46 -21.91 -11.31 -31.46
C ARG D 46 -21.43 -12.36 -32.47
N GLN D 47 -21.02 -13.52 -31.96
CA GLN D 47 -20.69 -14.67 -32.78
C GLN D 47 -21.38 -15.91 -32.17
N VAL D 48 -22.09 -16.69 -32.99
CA VAL D 48 -22.67 -17.94 -32.50
C VAL D 48 -21.52 -18.93 -32.28
N ILE D 49 -21.59 -19.68 -31.18
CA ILE D 49 -20.57 -20.67 -30.85
C ILE D 49 -21.23 -21.94 -30.34
N SER D 50 -20.42 -22.98 -30.16
CA SER D 50 -20.89 -24.25 -29.62
C SER D 50 -20.75 -24.16 -28.11
N CYS D 51 -21.82 -24.53 -27.42
CA CYS D 51 -21.87 -24.43 -25.99
C CYS D 51 -22.71 -25.54 -25.37
N ASP D 52 -22.08 -26.37 -24.53
CA ASP D 52 -22.78 -27.44 -23.81
C ASP D 52 -23.68 -28.29 -24.72
N LYS D 53 -23.14 -28.74 -25.86
CA LYS D 53 -23.87 -29.59 -26.80
C LYS D 53 -25.04 -28.86 -27.47
N SER D 54 -25.06 -27.53 -27.37
CA SER D 54 -26.05 -26.71 -28.06
C SER D 54 -25.31 -25.51 -28.65
N VAL D 55 -26.02 -24.42 -28.87
CA VAL D 55 -25.41 -23.21 -29.41
C VAL D 55 -25.68 -22.08 -28.44
N CYS D 56 -24.74 -21.15 -28.34
CA CYS D 56 -25.00 -19.91 -27.64
C CYS D 56 -24.28 -18.79 -28.35
N THR D 57 -24.49 -17.57 -27.87
CA THR D 57 -23.85 -16.38 -28.44
C THR D 57 -22.69 -15.96 -27.59
N LEU D 58 -21.52 -15.91 -28.20
CA LEU D 58 -20.37 -15.24 -27.66
C LEU D 58 -20.54 -13.72 -27.92
N GLN D 59 -20.63 -12.94 -26.85
CA GLN D 59 -20.81 -11.50 -26.98
C GLN D 59 -19.54 -10.87 -26.48
N ILE D 60 -18.91 -10.09 -27.34
CA ILE D 60 -17.64 -9.47 -27.03
C ILE D 60 -17.83 -7.95 -26.92
N THR D 61 -17.45 -7.41 -25.77
CA THR D 61 -17.48 -5.97 -25.58
C THR D 61 -16.08 -5.43 -25.80
N ASP D 62 -15.98 -4.59 -26.84
CA ASP D 62 -14.76 -3.93 -27.22
C ASP D 62 -14.79 -2.55 -26.58
N THR D 63 -14.15 -2.38 -25.42
CA THR D 63 -14.32 -1.15 -24.64
CA THR D 63 -14.30 -1.16 -24.63
C THR D 63 -13.82 0.08 -25.41
N THR D 64 -14.67 1.09 -25.47
CA THR D 64 -14.42 2.35 -26.17
C THR D 64 -13.74 3.39 -25.25
N GLY D 65 -12.85 4.19 -25.83
CA GLY D 65 -12.36 5.43 -25.19
C GLY D 65 -10.85 5.42 -25.07
N SER D 66 -10.26 6.59 -25.16
CA SER D 66 -8.85 6.80 -24.85
C SER D 66 -8.63 7.07 -23.36
N HIS D 67 -9.72 7.35 -22.63
CA HIS D 67 -9.64 7.65 -21.18
C HIS D 67 -10.89 7.07 -20.52
N GLN D 68 -10.88 5.77 -20.27
CA GLN D 68 -12.10 5.06 -19.88
C GLN D 68 -12.58 5.50 -18.51
N PHE D 69 -13.91 5.60 -18.33
CA PHE D 69 -14.47 6.07 -17.08
C PHE D 69 -14.58 4.87 -16.12
N PRO D 70 -14.03 5.00 -14.89
CA PRO D 70 -14.03 3.89 -13.94
C PRO D 70 -15.40 3.23 -13.67
N ALA D 71 -16.46 4.01 -13.53
CA ALA D 71 -17.78 3.42 -13.23
C ALA D 71 -18.22 2.52 -14.39
N MET D 72 -17.90 2.90 -15.63
CA MET D 72 -18.24 2.09 -16.80
C MET D 72 -17.46 0.79 -16.80
N GLN D 73 -16.24 0.84 -16.28
CA GLN D 73 -15.42 -0.35 -16.17
C GLN D 73 -15.99 -1.29 -15.11
N ARG D 74 -16.36 -0.73 -13.96
CA ARG D 74 -17.01 -1.53 -12.92
C ARG D 74 -18.27 -2.25 -13.41
N LEU D 75 -19.11 -1.53 -14.13
CA LEU D 75 -20.37 -2.08 -14.64
C LEU D 75 -20.09 -3.20 -15.65
N SER D 76 -19.11 -2.99 -16.54
CA SER D 76 -18.71 -4.01 -17.49
C SER D 76 -18.18 -5.28 -16.83
N ILE D 77 -17.37 -5.13 -15.79
CA ILE D 77 -16.85 -6.28 -15.09
C ILE D 77 -18.01 -7.06 -14.44
N SER D 78 -18.91 -6.36 -13.78
CA SER D 78 -20.01 -7.00 -13.09
C SER D 78 -20.84 -7.80 -14.08
N LYS D 79 -21.11 -7.23 -15.25
CA LYS D 79 -21.93 -7.91 -16.28
C LYS D 79 -21.15 -8.95 -17.08
N GLY D 80 -19.83 -8.88 -17.04
CA GLY D 80 -18.98 -9.78 -17.81
C GLY D 80 -18.68 -11.13 -17.18
N HIS D 81 -18.39 -12.12 -18.02
CA HIS D 81 -18.10 -13.48 -17.59
C HIS D 81 -16.60 -13.78 -17.67
N ALA D 82 -15.93 -13.22 -18.67
CA ALA D 82 -14.52 -13.49 -18.90
C ALA D 82 -13.86 -12.24 -19.39
N PHE D 83 -12.52 -12.17 -19.26
CA PHE D 83 -11.80 -10.91 -19.47
C PHE D 83 -10.52 -11.09 -20.24
N ILE D 84 -10.35 -10.21 -21.22
CA ILE D 84 -9.11 -10.12 -22.01
C ILE D 84 -8.48 -8.76 -21.75
N LEU D 85 -7.29 -8.81 -21.17
CA LEU D 85 -6.58 -7.62 -20.77
C LEU D 85 -5.44 -7.41 -21.79
N VAL D 86 -5.60 -6.43 -22.66
CA VAL D 86 -4.73 -6.23 -23.77
C VAL D 86 -3.75 -5.07 -23.51
N PHE D 87 -2.48 -5.31 -23.81
CA PHE D 87 -1.46 -4.30 -23.88
C PHE D 87 -0.71 -4.39 -25.21
N SER D 88 0.03 -3.34 -25.55
CA SER D 88 0.91 -3.34 -26.72
C SER D 88 2.37 -3.63 -26.25
N VAL D 89 3.01 -4.56 -26.94
CA VAL D 89 4.40 -4.92 -26.61
C VAL D 89 5.34 -3.76 -26.87
N THR D 90 4.90 -2.75 -27.63
CA THR D 90 5.68 -1.54 -27.83
C THR D 90 5.49 -0.46 -26.77
N SER D 91 4.61 -0.73 -25.79
CA SER D 91 4.30 0.26 -24.74
C SER D 91 4.25 -0.37 -23.33
N LYS D 92 5.31 -0.18 -22.55
CA LYS D 92 5.30 -0.62 -21.14
C LYS D 92 4.21 0.06 -20.32
N GLN D 93 4.01 1.36 -20.55
CA GLN D 93 2.91 2.08 -19.88
C GLN D 93 1.56 1.38 -20.09
N SER D 94 1.33 0.86 -21.28
CA SER D 94 0.08 0.16 -21.56
C SER D 94 -0.08 -1.09 -20.70
N LEU D 95 1.03 -1.76 -20.42
CA LEU D 95 1.00 -2.92 -19.51
C LEU D 95 0.74 -2.46 -18.08
N GLU D 96 1.44 -1.42 -17.64
CA GLU D 96 1.24 -0.91 -16.26
C GLU D 96 -0.22 -0.51 -16.02
N GLU D 97 -0.85 0.07 -17.05
CA GLU D 97 -2.23 0.55 -16.92
C GLU D 97 -3.25 -0.57 -16.79
N LEU D 98 -2.85 -1.82 -17.01
CA LEU D 98 -3.73 -2.96 -16.72
C LEU D 98 -3.86 -3.32 -15.25
N GLY D 99 -2.90 -2.89 -14.43
CA GLY D 99 -2.88 -3.19 -12.99
C GLY D 99 -4.20 -2.91 -12.27
N PRO D 100 -4.66 -1.66 -12.33
CA PRO D 100 -5.90 -1.33 -11.67
C PRO D 100 -7.13 -2.12 -12.18
N ILE D 101 -7.17 -2.43 -13.47
CA ILE D 101 -8.27 -3.17 -14.06
C ILE D 101 -8.30 -4.59 -13.52
N TYR D 102 -7.15 -5.25 -13.54
CA TYR D 102 -7.02 -6.58 -12.93
C TYR D 102 -7.46 -6.62 -11.48
N LYS D 103 -6.96 -5.66 -10.71
CA LYS D 103 -7.31 -5.54 -9.30
C LYS D 103 -8.85 -5.42 -9.11
N LEU D 104 -9.50 -4.62 -9.95
CA LEU D 104 -10.98 -4.44 -9.86
C LEU D 104 -11.73 -5.72 -10.21
N ILE D 105 -11.27 -6.40 -11.26
CA ILE D 105 -11.85 -7.68 -11.65
C ILE D 105 -11.81 -8.64 -10.44
N VAL D 106 -10.64 -8.77 -9.83
CA VAL D 106 -10.51 -9.69 -8.71
CA VAL D 106 -10.47 -9.66 -8.69
C VAL D 106 -11.35 -9.24 -7.52
N GLN D 107 -11.42 -7.93 -7.27
CA GLN D 107 -12.27 -7.42 -6.18
C GLN D 107 -13.76 -7.70 -6.44
N ILE D 108 -14.23 -7.51 -7.66
CA ILE D 108 -15.66 -7.76 -7.98
C ILE D 108 -16.00 -9.25 -8.08
N LYS D 109 -15.17 -10.02 -8.80
CA LYS D 109 -15.42 -11.45 -9.00
C LYS D 109 -14.95 -12.32 -7.82
N GLY D 110 -14.22 -11.74 -6.87
CA GLY D 110 -13.86 -12.48 -5.66
C GLY D 110 -12.51 -13.13 -5.75
N SER D 111 -12.24 -13.76 -6.89
CA SER D 111 -11.01 -14.50 -7.10
C SER D 111 -10.74 -14.73 -8.58
N VAL D 112 -9.51 -14.51 -9.03
CA VAL D 112 -9.13 -14.78 -10.41
C VAL D 112 -9.38 -16.27 -10.79
N GLU D 113 -9.39 -17.17 -9.81
CA GLU D 113 -9.52 -18.58 -10.10
C GLU D 113 -10.92 -18.95 -10.61
N ASP D 114 -11.88 -18.06 -10.41
CA ASP D 114 -13.27 -18.37 -10.72
C ASP D 114 -13.77 -17.81 -12.05
N ILE D 115 -12.95 -17.03 -12.75
CA ILE D 115 -13.32 -16.59 -14.10
C ILE D 115 -12.13 -16.58 -15.05
N PRO D 116 -12.38 -16.74 -16.36
CA PRO D 116 -11.29 -16.66 -17.32
C PRO D 116 -10.71 -15.28 -17.43
N VAL D 117 -9.41 -15.17 -17.23
CA VAL D 117 -8.67 -13.94 -17.46
C VAL D 117 -7.44 -14.22 -18.32
N MET D 118 -7.32 -13.48 -19.43
CA MET D 118 -6.18 -13.63 -20.34
C MET D 118 -5.45 -12.32 -20.49
N LEU D 119 -4.13 -12.33 -20.28
CA LEU D 119 -3.27 -11.20 -20.56
C LEU D 119 -2.72 -11.34 -21.98
N VAL D 120 -2.90 -10.31 -22.80
CA VAL D 120 -2.56 -10.39 -24.22
C VAL D 120 -1.61 -9.28 -24.60
N GLY D 121 -0.44 -9.64 -25.12
CA GLY D 121 0.52 -8.67 -25.70
C GLY D 121 0.30 -8.59 -27.19
N ASN D 122 -0.36 -7.52 -27.66
CA ASN D 122 -0.67 -7.37 -29.07
C ASN D 122 0.41 -6.56 -29.77
N LYS D 123 0.31 -6.49 -31.09
CA LYS D 123 1.28 -5.83 -31.95
C LYS D 123 2.61 -6.58 -31.93
N CYS D 124 2.54 -7.91 -31.81
CA CYS D 124 3.76 -8.74 -31.74
C CYS D 124 4.52 -8.86 -33.09
N ASP D 125 3.97 -8.23 -34.14
CA ASP D 125 4.71 -7.99 -35.35
C ASP D 125 5.72 -6.86 -35.21
N GLU D 126 5.62 -6.04 -34.17
CA GLU D 126 6.47 -4.88 -34.03
C GLU D 126 7.78 -5.31 -33.39
N THR D 127 8.85 -4.75 -33.91
CA THR D 127 10.22 -5.06 -33.48
C THR D 127 10.70 -4.10 -32.37
N GLN D 128 10.07 -2.95 -32.21
CA GLN D 128 10.54 -1.99 -31.21
C GLN D 128 9.83 -2.20 -29.89
N ARG D 129 10.19 -3.27 -29.18
CA ARG D 129 9.44 -3.68 -28.00
C ARG D 129 9.88 -2.94 -26.73
N GLU D 130 8.92 -2.64 -25.87
CA GLU D 130 9.24 -2.15 -24.52
C GLU D 130 8.89 -3.17 -23.46
N VAL D 131 8.22 -4.24 -23.86
CA VAL D 131 7.93 -5.33 -22.92
C VAL D 131 8.46 -6.63 -23.46
N ASP D 132 9.26 -7.30 -22.63
CA ASP D 132 9.81 -8.59 -22.95
C ASP D 132 8.74 -9.67 -22.72
N THR D 133 8.68 -10.67 -23.62
CA THR D 133 7.67 -11.76 -23.48
C THR D 133 7.74 -12.44 -22.08
N ARG D 134 8.94 -12.75 -21.63
CA ARG D 134 9.13 -13.44 -20.35
C ARG D 134 8.72 -12.54 -19.18
N GLU D 135 8.90 -11.24 -19.38
CA GLU D 135 8.51 -10.25 -18.39
C GLU D 135 6.99 -10.24 -18.24
N ALA D 136 6.27 -10.29 -19.36
CA ALA D 136 4.81 -10.37 -19.37
C ALA D 136 4.33 -11.73 -18.86
N GLN D 137 5.03 -12.80 -19.23
CA GLN D 137 4.72 -14.12 -18.65
C GLN D 137 4.85 -14.15 -17.14
N ALA D 138 5.88 -13.49 -16.60
CA ALA D 138 6.08 -13.49 -15.16
C ALA D 138 4.90 -12.77 -14.44
N VAL D 139 4.42 -11.68 -15.01
CA VAL D 139 3.19 -11.02 -14.53
C VAL D 139 1.98 -11.97 -14.58
N ALA D 140 1.76 -12.64 -15.71
CA ALA D 140 0.63 -13.59 -15.78
C ALA D 140 0.74 -14.69 -14.73
N GLN D 141 1.96 -15.11 -14.40
CA GLN D 141 2.17 -16.09 -13.31
C GLN D 141 1.62 -15.61 -11.97
N GLU D 142 1.98 -14.37 -11.61
CA GLU D 142 1.56 -13.82 -10.32
C GLU D 142 0.06 -13.54 -10.30
N TRP D 143 -0.45 -13.15 -11.44
CA TRP D 143 -1.86 -12.89 -11.58
C TRP D 143 -2.70 -14.16 -11.72
N LYS D 144 -2.03 -15.29 -11.94
CA LYS D 144 -2.70 -16.60 -12.09
C LYS D 144 -3.66 -16.57 -13.26
N CYS D 145 -3.20 -15.97 -14.35
CA CYS D 145 -3.99 -15.85 -15.55
C CYS D 145 -3.21 -16.39 -16.75
N ALA D 146 -3.92 -16.55 -17.85
CA ALA D 146 -3.35 -17.05 -19.07
C ALA D 146 -2.66 -15.89 -19.79
N PHE D 147 -1.70 -16.23 -20.63
CA PHE D 147 -0.93 -15.24 -21.39
C PHE D 147 -0.75 -15.69 -22.84
N MET D 148 -0.83 -14.73 -23.78
CA MET D 148 -0.51 -15.01 -25.16
C MET D 148 -0.08 -13.73 -25.82
N GLU D 149 0.77 -13.84 -26.84
CA GLU D 149 1.03 -12.71 -27.73
C GLU D 149 0.30 -12.86 -29.04
N THR D 150 -0.17 -11.72 -29.57
CA THR D 150 -0.96 -11.66 -30.80
C THR D 150 -0.49 -10.54 -31.72
N SER D 151 -0.82 -10.70 -33.01
CA SER D 151 -0.80 -9.58 -33.93
C SER D 151 -2.12 -9.58 -34.68
N ALA D 152 -2.99 -8.61 -34.39
CA ALA D 152 -4.19 -8.40 -35.19
C ALA D 152 -3.81 -8.16 -36.66
N LYS D 153 -2.72 -7.46 -36.91
CA LYS D 153 -2.31 -7.12 -38.27
C LYS D 153 -1.95 -8.36 -39.10
N MET D 154 -1.25 -9.30 -38.49
CA MET D 154 -0.80 -10.50 -39.19
C MET D 154 -1.73 -11.70 -38.99
N ASN D 155 -2.85 -11.49 -38.31
CA ASN D 155 -3.80 -12.55 -37.94
C ASN D 155 -3.08 -13.71 -37.25
N TYR D 156 -2.28 -13.36 -36.26
CA TYR D 156 -1.49 -14.33 -35.50
C TYR D 156 -2.04 -14.48 -34.10
N ASN D 157 -2.38 -15.71 -33.75
CA ASN D 157 -2.98 -16.04 -32.45
C ASN D 157 -4.32 -15.39 -32.16
N VAL D 158 -5.04 -14.96 -33.19
CA VAL D 158 -6.29 -14.23 -32.91
C VAL D 158 -7.40 -15.20 -32.59
N LYS D 159 -7.63 -16.14 -33.50
CA LYS D 159 -8.57 -17.25 -33.29
C LYS D 159 -8.21 -18.02 -32.03
N GLU D 160 -6.92 -18.23 -31.83
CA GLU D 160 -6.41 -18.97 -30.68
C GLU D 160 -6.73 -18.29 -29.33
N LEU D 161 -6.64 -16.96 -29.30
CA LEU D 161 -6.95 -16.15 -28.11
C LEU D 161 -8.34 -16.46 -27.58
N PHE D 162 -9.31 -16.40 -28.47
CA PHE D 162 -10.70 -16.61 -28.10
C PHE D 162 -11.01 -18.10 -27.84
N GLN D 163 -10.40 -19.00 -28.59
CA GLN D 163 -10.49 -20.44 -28.31
C GLN D 163 -9.98 -20.72 -26.91
N GLU D 164 -8.79 -20.21 -26.59
CA GLU D 164 -8.15 -20.48 -25.31
C GLU D 164 -8.99 -19.89 -24.18
N LEU D 165 -9.49 -18.67 -24.37
CA LEU D 165 -10.33 -18.04 -23.36
C LEU D 165 -11.55 -18.93 -23.00
N LEU D 166 -12.22 -19.45 -24.01
CA LEU D 166 -13.41 -20.29 -23.82
C LEU D 166 -13.12 -21.60 -23.09
N THR D 167 -11.95 -22.16 -23.34
CA THR D 167 -11.52 -23.40 -22.71
CA THR D 167 -11.54 -23.40 -22.68
C THR D 167 -11.22 -23.20 -21.21
N LEU D 168 -10.85 -21.98 -20.83
CA LEU D 168 -10.58 -21.68 -19.42
C LEU D 168 -11.85 -21.67 -18.54
N GLU D 169 -13.00 -21.46 -19.16
CA GLU D 169 -14.27 -21.58 -18.46
C GLU D 169 -14.57 -23.01 -18.18
N THR D 170 -14.74 -23.33 -16.91
CA THR D 170 -14.97 -24.70 -16.52
C THR D 170 -16.45 -25.02 -16.26
N ARG D 171 -17.32 -24.02 -16.15
CA ARG D 171 -18.77 -24.25 -15.91
C ARG D 171 -19.57 -24.47 -17.18
N ARG D 172 -18.96 -24.14 -18.32
CA ARG D 172 -19.54 -24.39 -19.63
C ARG D 172 -18.49 -25.01 -20.53
N ASN D 173 -18.93 -25.88 -21.42
CA ASN D 173 -18.03 -26.41 -22.43
C ASN D 173 -18.28 -25.73 -23.78
N MET D 174 -17.34 -24.87 -24.17
CA MET D 174 -17.55 -23.97 -25.29
C MET D 174 -16.42 -24.09 -26.31
N SER D 175 -16.78 -23.99 -27.59
CA SER D 175 -15.78 -23.85 -28.64
C SER D 175 -16.34 -23.12 -29.88
N LEU D 176 -15.42 -22.62 -30.70
CA LEU D 176 -15.75 -21.79 -31.86
C LEU D 176 -16.41 -22.57 -32.98
MG MG E . 11.05 -0.47 29.24
PB GDP F . 10.13 2.32 27.81
O1B GDP F . 8.91 2.61 26.95
O2B GDP F . 11.38 2.23 26.97
O3B GDP F . 9.99 1.17 28.79
O3A GDP F . 10.26 3.74 28.59
PA GDP F . 10.92 4.01 30.03
O1A GDP F . 12.21 3.24 30.21
O2A GDP F . 9.90 3.72 31.10
O5' GDP F . 11.14 5.59 30.04
C5' GDP F . 12.00 6.12 29.05
C4' GDP F . 12.47 7.50 29.48
O4' GDP F . 11.35 8.38 29.51
C3' GDP F . 13.11 7.50 30.86
O3' GDP F . 14.09 8.52 30.89
C2' GDP F . 11.97 7.91 31.75
O2' GDP F . 12.44 8.53 32.93
C1' GDP F . 11.22 8.87 30.82
N9 GDP F . 9.81 8.96 31.17
C8 GDP F . 9.00 7.91 31.43
N7 GDP F . 7.76 8.33 31.73
C5 GDP F . 7.79 9.69 31.69
C6 GDP F . 6.82 10.79 31.89
O6 GDP F . 5.63 10.59 32.20
N1 GDP F . 7.27 12.04 31.73
C2 GDP F . 8.53 12.34 31.39
N2 GDP F . 8.85 13.65 31.26
N3 GDP F . 9.48 11.41 31.18
C4 GDP F . 9.15 10.09 31.32
MG MG G . -7.12 10.23 5.69
PB GDP H . -9.85 10.06 4.02
O1B GDP H . -10.55 11.17 3.26
O2B GDP H . -10.52 9.82 5.35
O3B GDP H . -8.36 10.21 4.16
O3A GDP H . -10.24 8.78 3.05
PA GDP H . -9.38 7.44 2.87
O1A GDP H . -8.88 7.00 4.24
O2A GDP H . -8.25 7.63 1.88
O5' GDP H . -10.42 6.45 2.17
C5' GDP H . -11.65 6.17 2.87
C4' GDP H . -12.22 4.87 2.34
O4' GDP H . -12.69 5.09 1.00
C3' GDP H . -11.22 3.74 2.28
O3' GDP H . -11.92 2.53 2.52
C2' GDP H . -10.73 3.74 0.87
O2' GDP H . -10.34 2.44 0.43
C1' GDP H . -11.97 4.23 0.13
N9 GDP H . -11.62 4.91 -1.12
C8 GDP H . -10.70 5.89 -1.26
N7 GDP H . -10.63 6.28 -2.54
C5 GDP H . -11.52 5.55 -3.24
C6 GDP H . -11.97 5.48 -4.63
O6 GDP H . -11.51 6.22 -5.52
N1 GDP H . -12.93 4.60 -4.92
C2 GDP H . -13.50 3.79 -4.00
N2 GDP H . -14.47 2.94 -4.41
N3 GDP H . -13.16 3.78 -2.70
C4 GDP H . -12.20 4.66 -2.29
MG MG I . 6.50 -10.17 -5.52
PB GDP J . 6.63 -12.30 -3.13
O1B GDP J . 7.92 -12.97 -2.67
O2B GDP J . 5.96 -13.26 -4.08
O3B GDP J . 6.82 -10.95 -3.73
O3A GDP J . 5.76 -12.24 -1.76
PA GDP J . 4.60 -11.17 -1.46
O1A GDP J . 3.68 -10.98 -2.63
O2A GDP J . 5.24 -9.90 -0.97
O5' GDP J . 3.96 -11.90 -0.19
C5' GDP J . 3.18 -13.08 -0.37
C4' GDP J . 2.26 -13.24 0.83
O4' GDP J . 3.05 -13.34 2.03
C3' GDP J . 1.35 -12.04 0.98
O3' GDP J . 0.10 -12.51 1.44
C2' GDP J . 2.02 -11.21 2.05
O2' GDP J . 1.16 -10.45 2.89
C1' GDP J . 2.69 -12.27 2.90
N9 GDP J . 3.82 -11.64 3.63
C8 GDP J . 4.84 -10.89 3.15
N7 GDP J . 5.69 -10.52 4.16
C5 GDP J . 5.17 -11.03 5.28
C6 GDP J . 5.54 -11.03 6.70
O6 GDP J . 6.55 -10.40 7.06
N1 GDP J . 4.73 -11.69 7.55
C2 GDP J . 3.63 -12.34 7.16
N2 GDP J . 2.89 -12.98 8.07
N3 GDP J . 3.23 -12.40 5.89
C4 GDP J . 3.95 -11.77 4.93
MG MG K . -11.06 0.54 -29.82
PB GDP L . -7.80 0.24 -29.52
O1B GDP L . -7.20 -0.46 -28.30
O2B GDP L . -7.83 1.72 -29.16
O3B GDP L . -9.17 -0.30 -29.89
O3A GDP L . -6.72 0.09 -30.70
PA GDP L . -7.12 0.04 -32.26
O1A GDP L . -8.04 1.18 -32.62
O2A GDP L . -7.60 -1.34 -32.58
O5' GDP L . -5.66 0.20 -32.87
C5' GDP L . -4.91 1.40 -32.69
C4' GDP L . -3.76 1.44 -33.69
O4' GDP L . -2.88 0.31 -33.55
C3' GDP L . -4.31 1.39 -35.12
O3' GDP L . -3.50 2.18 -35.98
C2' GDP L . -4.19 -0.09 -35.47
O2' GDP L . -4.05 -0.41 -36.85
C1' GDP L . -2.91 -0.44 -34.76
N9 GDP L . -2.86 -1.89 -34.51
C8 GDP L . -3.81 -2.67 -33.94
N7 GDP L . -3.39 -3.96 -33.85
C5 GDP L . -2.16 -4.00 -34.37
C6 GDP L . -1.12 -5.04 -34.57
O6 GDP L . -1.35 -6.23 -34.27
N1 GDP L . 0.03 -4.66 -35.14
C2 GDP L . 0.29 -3.39 -35.53
N2 GDP L . 1.47 -3.09 -36.09
N3 GDP L . -0.59 -2.37 -35.37
C4 GDP L . -1.81 -2.63 -34.80
#